data_5ITV
#
_entry.id   5ITV
#
_cell.length_a   74.750
_cell.length_b   88.080
_cell.length_c   78.610
_cell.angle_alpha   90.00
_cell.angle_beta   106.44
_cell.angle_gamma   90.00
#
_symmetry.space_group_name_H-M   'P 1 21 1'
#
loop_
_entity.id
_entity.type
_entity.pdbx_description
1 polymer 'Dihydroanticapsin 7-dehydrogenase'
2 non-polymer '1,4-DIHYDRONICOTINAMIDE ADENINE DINUCLEOTIDE'
3 water water
#
_entity_poly.entity_id   1
_entity_poly.type   'polypeptide(L)'
_entity_poly.pdbx_seq_one_letter_code
;MIMNLTDKTVLITGGASGIGYAAVQAFLGQQANVVVADIDEAQGEAMVRKENNDRLHFVQTDITDEAACQHAVESAVHTF
GGLDVLINNAGIEIVAPIHEMELSDWNKVLQVNLTGMFLMSKHALKHMLAAGKGNIINTCSVGGLVAWPDIPAYNASKGG
VLQLTKSMAVDYAKHQIRVNCVCPGIIDTPLNEKSFLENNEGTLEEIKKEKAKVNPLLRLGKPEEIANVMLFLASDLSSY
MTGSAITADGGYTAQ
;
_entity_poly.pdbx_strand_id   A,B,C,D
#
loop_
_chem_comp.id
_chem_comp.type
_chem_comp.name
_chem_comp.formula
NAI non-polymer '1,4-DIHYDRONICOTINAMIDE ADENINE DINUCLEOTIDE' 'C21 H29 N7 O14 P2'
#
# COMPACT_ATOMS: atom_id res chain seq x y z
N MET A 1 14.80 21.68 -21.07
CA MET A 1 16.09 21.03 -21.47
C MET A 1 16.08 19.53 -21.19
N ILE A 2 15.51 19.14 -20.05
CA ILE A 2 15.54 17.73 -19.57
C ILE A 2 14.21 16.99 -19.69
N MET A 3 13.11 17.71 -19.77
CA MET A 3 11.81 17.10 -20.03
C MET A 3 11.86 16.26 -21.32
N ASN A 4 12.33 16.89 -22.39
CA ASN A 4 12.53 16.19 -23.67
C ASN A 4 11.21 15.63 -24.24
N LEU A 5 10.21 16.48 -24.31
CA LEU A 5 8.89 16.09 -24.86
C LEU A 5 8.65 16.65 -26.26
N THR A 6 9.63 17.38 -26.79
CA THR A 6 9.54 17.93 -28.14
C THR A 6 9.32 16.81 -29.18
N ASP A 7 8.28 16.97 -30.00
CA ASP A 7 7.91 16.02 -31.07
C ASP A 7 7.33 14.67 -30.58
N LYS A 8 7.06 14.55 -29.27
CA LYS A 8 6.41 13.36 -28.75
C LYS A 8 4.93 13.55 -28.96
N THR A 9 4.24 12.49 -29.35
CA THR A 9 2.80 12.58 -29.57
C THR A 9 2.07 11.99 -28.37
N VAL A 10 1.17 12.82 -27.82
CA VAL A 10 0.48 12.54 -26.58
C VAL A 10 -1.02 12.59 -26.79
N LEU A 11 -1.68 11.45 -26.58
CA LEU A 11 -3.12 11.34 -26.74
C LEU A 11 -3.75 11.40 -25.35
N ILE A 12 -4.59 12.40 -25.14
CA ILE A 12 -5.19 12.68 -23.84
C ILE A 12 -6.72 12.53 -23.90
N THR A 13 -7.28 11.56 -23.18
CA THR A 13 -8.71 11.41 -23.12
C THR A 13 -9.28 12.37 -22.07
N GLY A 14 -10.49 12.87 -22.32
CA GLY A 14 -11.08 13.90 -21.47
C GLY A 14 -10.28 15.18 -21.46
N GLY A 15 -9.54 15.43 -22.55
CA GLY A 15 -8.64 16.57 -22.64
C GLY A 15 -9.30 17.92 -22.86
N ALA A 16 -10.62 17.94 -23.05
CA ALA A 16 -11.30 19.18 -23.38
C ALA A 16 -11.64 20.04 -22.17
N SER A 17 -11.43 19.53 -20.95
CA SER A 17 -11.69 20.32 -19.75
C SER A 17 -10.88 19.88 -18.53
N GLY A 18 -10.98 20.66 -17.46
CA GLY A 18 -10.36 20.34 -16.18
C GLY A 18 -8.90 19.93 -16.27
N ILE A 19 -8.56 18.86 -15.58
CA ILE A 19 -7.20 18.34 -15.54
C ILE A 19 -6.70 18.01 -16.95
N GLY A 20 -7.58 17.41 -17.75
CA GLY A 20 -7.23 17.06 -19.12
C GLY A 20 -6.78 18.26 -19.94
N TYR A 21 -7.51 19.36 -19.83
CA TYR A 21 -7.20 20.57 -20.57
C TYR A 21 -5.91 21.20 -20.07
N ALA A 22 -5.74 21.25 -18.76
CA ALA A 22 -4.48 21.71 -18.18
C ALA A 22 -3.32 20.87 -18.66
N ALA A 23 -3.54 19.57 -18.82
CA ALA A 23 -2.53 18.70 -19.39
C ALA A 23 -2.26 19.05 -20.86
N VAL A 24 -3.30 19.32 -21.64
CA VAL A 24 -3.12 19.80 -23.02
C VAL A 24 -2.17 21.01 -23.03
N GLN A 25 -2.48 22.00 -22.19
CA GLN A 25 -1.68 23.22 -22.14
C GLN A 25 -0.24 22.95 -21.75
N ALA A 26 -0.05 22.12 -20.73
CA ALA A 26 1.30 21.81 -20.24
C ALA A 26 2.13 21.12 -21.33
N PHE A 27 1.53 20.12 -21.99
CA PHE A 27 2.24 19.36 -23.02
C PHE A 27 2.53 20.18 -24.29
N LEU A 28 1.57 20.99 -24.73
CA LEU A 28 1.82 21.95 -25.82
C LEU A 28 2.98 22.88 -25.45
N GLY A 29 2.96 23.40 -24.22
CA GLY A 29 4.04 24.22 -23.68
C GLY A 29 5.41 23.56 -23.69
N GLN A 30 5.45 22.22 -23.65
CA GLN A 30 6.72 21.47 -23.80
C GLN A 30 7.01 21.02 -25.23
N GLN A 31 6.26 21.55 -26.20
CA GLN A 31 6.44 21.25 -27.64
C GLN A 31 6.05 19.82 -28.04
N ALA A 32 5.18 19.19 -27.26
CA ALA A 32 4.62 17.91 -27.64
C ALA A 32 3.49 18.13 -28.63
N ASN A 33 3.26 17.17 -29.51
CA ASN A 33 2.04 17.11 -30.27
C ASN A 33 0.96 16.48 -29.40
N VAL A 34 -0.20 17.11 -29.34
CA VAL A 34 -1.28 16.64 -28.47
C VAL A 34 -2.51 16.30 -29.28
N VAL A 35 -3.11 15.14 -28.99
CA VAL A 35 -4.37 14.75 -29.58
C VAL A 35 -5.35 14.58 -28.43
N VAL A 36 -6.48 15.29 -28.51
CA VAL A 36 -7.51 15.22 -27.48
C VAL A 36 -8.65 14.34 -27.96
N ALA A 37 -8.97 13.32 -27.17
CA ALA A 37 -10.10 12.45 -27.44
C ALA A 37 -11.14 12.71 -26.36
N ASP A 38 -12.24 13.35 -26.74
CA ASP A 38 -13.26 13.77 -25.78
C ASP A 38 -14.63 13.67 -26.44
N ILE A 39 -15.65 13.39 -25.64
CA ILE A 39 -16.99 13.13 -26.14
C ILE A 39 -17.71 14.42 -26.51
N ASP A 40 -17.26 15.54 -25.93
CA ASP A 40 -17.93 16.83 -26.09
C ASP A 40 -17.38 17.58 -27.31
N GLU A 41 -18.06 17.42 -28.45
CA GLU A 41 -17.59 18.01 -29.71
C GLU A 41 -17.47 19.54 -29.64
N ALA A 42 -18.49 20.18 -29.09
CA ALA A 42 -18.53 21.64 -28.97
C ALA A 42 -17.36 22.16 -28.15
N GLN A 43 -17.16 21.56 -26.98
CA GLN A 43 -16.10 21.97 -26.08
C GLN A 43 -14.73 21.67 -26.68
N GLY A 44 -14.63 20.55 -27.39
CA GLY A 44 -13.41 20.19 -28.10
C GLY A 44 -13.01 21.20 -29.18
N GLU A 45 -13.97 21.60 -30.01
CA GLU A 45 -13.72 22.59 -31.06
C GLU A 45 -13.41 23.96 -30.47
N ALA A 46 -14.13 24.33 -29.41
CA ALA A 46 -13.84 25.57 -28.67
C ALA A 46 -12.39 25.59 -28.20
N MET A 47 -11.95 24.49 -27.60
CA MET A 47 -10.56 24.32 -27.19
C MET A 47 -9.59 24.55 -28.34
N VAL A 48 -9.86 23.92 -29.49
CA VAL A 48 -8.99 24.07 -30.67
C VAL A 48 -8.86 25.55 -31.07
N ARG A 49 -9.97 26.28 -31.09
CA ARG A 49 -9.96 27.70 -31.45
C ARG A 49 -9.19 28.56 -30.45
N LYS A 50 -9.42 28.34 -29.16
CA LYS A 50 -8.75 29.10 -28.10
C LYS A 50 -7.24 28.88 -28.13
N GLU A 51 -6.82 27.62 -28.22
CA GLU A 51 -5.39 27.29 -28.21
C GLU A 51 -4.69 27.67 -29.50
N ASN A 52 -5.38 27.52 -30.64
CA ASN A 52 -4.86 27.96 -31.93
C ASN A 52 -3.41 27.54 -32.14
N ASN A 53 -3.21 26.22 -32.18
CA ASN A 53 -1.86 25.64 -32.17
C ASN A 53 -1.79 24.50 -33.16
N ASP A 54 -0.78 24.54 -34.04
CA ASP A 54 -0.56 23.47 -35.03
C ASP A 54 -0.34 22.10 -34.39
N ARG A 55 0.19 22.09 -33.17
CA ARG A 55 0.50 20.85 -32.46
C ARG A 55 -0.72 20.21 -31.79
N LEU A 56 -1.88 20.88 -31.84
CA LEU A 56 -3.09 20.35 -31.21
C LEU A 56 -4.04 19.81 -32.27
N HIS A 57 -4.62 18.65 -31.99
CA HIS A 57 -5.66 18.06 -32.83
C HIS A 57 -6.77 17.53 -31.94
N PHE A 58 -8.02 17.76 -32.34
CA PHE A 58 -9.16 17.22 -31.62
C PHE A 58 -9.83 16.14 -32.45
N VAL A 59 -10.19 15.03 -31.81
CA VAL A 59 -10.99 13.98 -32.42
C VAL A 59 -12.09 13.57 -31.45
N GLN A 60 -13.33 13.82 -31.82
CA GLN A 60 -14.49 13.43 -31.03
C GLN A 60 -14.40 11.94 -30.76
N THR A 61 -14.58 11.54 -29.50
CA THR A 61 -14.40 10.14 -29.09
C THR A 61 -15.25 9.81 -27.87
N ASP A 62 -16.09 8.78 -27.98
CA ASP A 62 -16.77 8.18 -26.83
C ASP A 62 -15.97 6.93 -26.45
N ILE A 63 -15.20 7.00 -25.36
CA ILE A 63 -14.29 5.92 -25.00
C ILE A 63 -15.01 4.62 -24.57
N THR A 64 -16.31 4.68 -24.31
CA THR A 64 -17.08 3.48 -24.02
C THR A 64 -17.32 2.62 -25.25
N ASP A 65 -17.01 3.14 -26.44
CA ASP A 65 -17.16 2.43 -27.70
C ASP A 65 -15.80 2.06 -28.26
N GLU A 66 -15.57 0.78 -28.52
CA GLU A 66 -14.25 0.32 -28.95
C GLU A 66 -13.80 0.90 -30.29
N ALA A 67 -14.69 0.93 -31.27
CA ALA A 67 -14.38 1.51 -32.58
C ALA A 67 -13.90 2.95 -32.44
N ALA A 68 -14.57 3.73 -31.60
CA ALA A 68 -14.16 5.12 -31.36
C ALA A 68 -12.77 5.24 -30.71
N CYS A 69 -12.44 4.29 -29.83
CA CYS A 69 -11.11 4.24 -29.20
C CYS A 69 -10.01 3.95 -30.20
N GLN A 70 -10.23 2.92 -31.02
CA GLN A 70 -9.32 2.61 -32.12
C GLN A 70 -9.16 3.84 -33.04
N HIS A 71 -10.28 4.46 -33.41
CA HIS A 71 -10.27 5.63 -34.29
C HIS A 71 -9.46 6.79 -33.67
N ALA A 72 -9.55 6.97 -32.36
CA ALA A 72 -8.76 8.00 -31.68
C ALA A 72 -7.26 7.70 -31.76
N VAL A 73 -6.89 6.44 -31.59
CA VAL A 73 -5.49 6.03 -31.73
C VAL A 73 -5.01 6.24 -33.16
N GLU A 74 -5.83 5.84 -34.13
CA GLU A 74 -5.49 6.02 -35.55
C GLU A 74 -5.35 7.50 -35.91
N SER A 75 -6.20 8.34 -35.33
CA SER A 75 -6.15 9.77 -35.57
C SER A 75 -4.81 10.37 -35.15
N ALA A 76 -4.27 9.90 -34.03
CA ALA A 76 -2.97 10.34 -33.57
C ALA A 76 -1.85 9.90 -34.53
N VAL A 77 -1.91 8.66 -34.97
CA VAL A 77 -0.91 8.12 -35.89
C VAL A 77 -0.96 8.84 -37.26
N HIS A 78 -2.15 9.06 -37.79
CA HIS A 78 -2.30 9.77 -39.08
C HIS A 78 -1.84 11.23 -38.99
N THR A 79 -2.26 11.92 -37.93
CA THR A 79 -2.04 13.35 -37.82
C THR A 79 -0.58 13.69 -37.54
N PHE A 80 0.05 12.99 -36.60
CA PHE A 80 1.42 13.31 -36.17
C PHE A 80 2.46 12.23 -36.42
N GLY A 81 2.05 11.11 -37.02
CA GLY A 81 2.99 10.07 -37.43
C GLY A 81 3.32 8.99 -36.42
N GLY A 82 2.74 9.08 -35.21
CA GLY A 82 3.00 8.08 -34.18
C GLY A 82 2.18 8.30 -32.94
N LEU A 83 2.55 7.60 -31.87
CA LEU A 83 1.92 7.75 -30.57
C LEU A 83 2.89 7.29 -29.49
N ASP A 84 3.40 8.24 -28.73
CA ASP A 84 4.41 7.97 -27.70
C ASP A 84 3.80 7.80 -26.31
N VAL A 85 2.76 8.61 -26.02
CA VAL A 85 2.16 8.64 -24.69
C VAL A 85 0.63 8.62 -24.80
N LEU A 86 0.01 7.70 -24.06
CA LEU A 86 -1.44 7.73 -23.87
C LEU A 86 -1.72 8.15 -22.43
N ILE A 87 -2.54 9.18 -22.26
CA ILE A 87 -3.03 9.58 -20.95
C ILE A 87 -4.52 9.28 -20.87
N ASN A 88 -4.87 8.22 -20.12
CA ASN A 88 -6.26 7.90 -19.86
C ASN A 88 -6.78 8.73 -18.71
N ASN A 89 -7.29 9.90 -19.00
CA ASN A 89 -7.76 10.90 -18.07
C ASN A 89 -9.28 11.02 -17.91
N ALA A 90 -10.05 10.70 -18.93
CA ALA A 90 -11.50 10.81 -18.84
C ALA A 90 -12.05 10.00 -17.66
N GLY A 91 -13.04 10.56 -16.99
CA GLY A 91 -13.71 9.89 -15.90
C GLY A 91 -14.94 10.65 -15.50
N ILE A 92 -15.91 9.96 -14.92
CA ILE A 92 -17.09 10.62 -14.39
C ILE A 92 -17.36 10.17 -12.96
N GLU A 93 -18.22 10.94 -12.30
CA GLU A 93 -18.63 10.69 -10.92
C GLU A 93 -20.15 10.72 -10.87
N ILE A 94 -20.75 9.72 -10.24
CA ILE A 94 -22.16 9.75 -9.89
C ILE A 94 -22.27 9.46 -8.39
N VAL A 95 -22.98 10.33 -7.67
CA VAL A 95 -23.16 10.20 -6.23
C VAL A 95 -24.39 9.36 -5.96
N ALA A 96 -24.20 8.21 -5.32
CA ALA A 96 -25.28 7.32 -4.97
C ALA A 96 -24.75 6.24 -4.05
N PRO A 97 -25.51 5.91 -2.99
CA PRO A 97 -25.12 4.81 -2.11
C PRO A 97 -25.40 3.46 -2.78
N ILE A 98 -24.62 2.44 -2.42
CA ILE A 98 -24.75 1.12 -3.03
C ILE A 98 -26.17 0.58 -2.94
N HIS A 99 -26.81 0.72 -1.78
CA HIS A 99 -28.15 0.17 -1.57
C HIS A 99 -29.26 0.83 -2.42
N GLU A 100 -28.99 2.01 -2.97
CA GLU A 100 -29.95 2.70 -3.84
C GLU A 100 -29.54 2.78 -5.30
N MET A 101 -28.29 2.46 -5.62
CA MET A 101 -27.77 2.78 -6.95
C MET A 101 -28.35 1.90 -8.06
N GLU A 102 -28.72 2.54 -9.16
CA GLU A 102 -29.22 1.84 -10.35
C GLU A 102 -28.07 1.16 -11.07
N LEU A 103 -28.31 -0.05 -11.56
CA LEU A 103 -27.31 -0.79 -12.32
C LEU A 103 -26.82 0.04 -13.50
N SER A 104 -27.74 0.72 -14.19
CA SER A 104 -27.35 1.52 -15.34
C SER A 104 -26.36 2.63 -14.94
N ASP A 105 -26.54 3.20 -13.75
CA ASP A 105 -25.64 4.21 -13.23
C ASP A 105 -24.29 3.65 -12.82
N TRP A 106 -24.30 2.49 -12.15
CA TRP A 106 -23.06 1.77 -11.85
C TRP A 106 -22.26 1.56 -13.14
N ASN A 107 -22.91 1.04 -14.17
CA ASN A 107 -22.26 0.75 -15.44
C ASN A 107 -21.74 2.00 -16.17
N LYS A 108 -22.46 3.09 -16.09
CA LYS A 108 -22.00 4.33 -16.69
C LYS A 108 -20.67 4.78 -16.09
N VAL A 109 -20.52 4.64 -14.77
CA VAL A 109 -19.30 5.05 -14.09
C VAL A 109 -18.15 4.12 -14.47
N LEU A 110 -18.39 2.81 -14.38
CA LEU A 110 -17.37 1.82 -14.71
C LEU A 110 -16.96 1.84 -16.18
N GLN A 111 -17.92 2.08 -17.06
CA GLN A 111 -17.63 2.07 -18.50
C GLN A 111 -16.67 3.18 -18.92
N VAL A 112 -16.85 4.38 -18.37
CA VAL A 112 -15.96 5.48 -18.68
C VAL A 112 -14.65 5.33 -17.91
N ASN A 113 -14.75 5.12 -16.60
CA ASN A 113 -13.58 5.16 -15.74
C ASN A 113 -12.62 3.99 -15.96
N LEU A 114 -13.17 2.82 -16.25
CA LEU A 114 -12.37 1.60 -16.30
C LEU A 114 -12.39 0.93 -17.66
N THR A 115 -13.59 0.59 -18.16
CA THR A 115 -13.70 -0.06 -19.47
C THR A 115 -13.05 0.80 -20.57
N GLY A 116 -13.36 2.09 -20.60
CA GLY A 116 -12.78 2.99 -21.58
C GLY A 116 -11.26 3.04 -21.50
N MET A 117 -10.74 2.96 -20.27
CA MET A 117 -9.29 2.94 -20.07
C MET A 117 -8.69 1.68 -20.68
N PHE A 118 -9.37 0.56 -20.48
CA PHE A 118 -9.00 -0.70 -21.09
C PHE A 118 -9.00 -0.61 -22.61
N LEU A 119 -10.10 -0.12 -23.19
CA LEU A 119 -10.24 -0.04 -24.63
C LEU A 119 -9.21 0.90 -25.27
N MET A 120 -9.03 2.08 -24.69
CA MET A 120 -8.00 2.98 -25.20
C MET A 120 -6.61 2.34 -25.10
N SER A 121 -6.32 1.69 -23.97
CA SER A 121 -5.02 1.08 -23.77
C SER A 121 -4.80 -0.08 -24.73
N LYS A 122 -5.83 -0.89 -24.92
CA LYS A 122 -5.75 -2.00 -25.86
C LYS A 122 -5.17 -1.55 -27.21
N HIS A 123 -5.78 -0.52 -27.79
CA HIS A 123 -5.40 -0.08 -29.12
C HIS A 123 -4.14 0.73 -29.16
N ALA A 124 -3.89 1.51 -28.12
CA ALA A 124 -2.60 2.19 -28.01
C ALA A 124 -1.46 1.17 -27.94
N LEU A 125 -1.66 0.11 -27.16
CA LEU A 125 -0.62 -0.91 -26.95
C LEU A 125 -0.29 -1.68 -28.23
N LYS A 126 -1.30 -2.00 -29.04
CA LYS A 126 -1.07 -2.61 -30.34
C LYS A 126 -0.04 -1.81 -31.13
N HIS A 127 -0.18 -0.49 -31.14
CA HIS A 127 0.75 0.39 -31.85
C HIS A 127 2.09 0.48 -31.15
N MET A 128 2.06 0.65 -29.83
CA MET A 128 3.30 0.80 -29.05
C MET A 128 4.17 -0.44 -29.07
N LEU A 129 3.53 -1.61 -29.07
CA LEU A 129 4.25 -2.87 -29.24
C LEU A 129 5.00 -2.92 -30.55
N ALA A 130 4.29 -2.58 -31.63
CA ALA A 130 4.90 -2.51 -32.95
C ALA A 130 6.02 -1.47 -33.00
N ALA A 131 5.82 -0.31 -32.38
CA ALA A 131 6.82 0.77 -32.39
C ALA A 131 8.03 0.50 -31.52
N GLY A 132 7.91 -0.43 -30.57
CA GLY A 132 9.04 -0.82 -29.71
C GLY A 132 9.19 0.02 -28.45
N LYS A 133 8.24 0.91 -28.20
CA LYS A 133 8.28 1.72 -26.99
C LYS A 133 6.95 2.42 -26.81
N GLY A 134 6.74 2.96 -25.62
CA GLY A 134 5.51 3.65 -25.30
C GLY A 134 5.45 4.04 -23.84
N ASN A 135 4.41 4.79 -23.53
CA ASN A 135 4.18 5.26 -22.18
C ASN A 135 2.67 5.42 -22.00
N ILE A 136 2.13 4.84 -20.94
CA ILE A 136 0.72 5.04 -20.59
C ILE A 136 0.62 5.67 -19.20
N ILE A 137 -0.19 6.70 -19.09
CA ILE A 137 -0.41 7.40 -17.82
C ILE A 137 -1.90 7.40 -17.53
N ASN A 138 -2.28 6.86 -16.37
CA ASN A 138 -3.68 6.77 -16.01
C ASN A 138 -4.03 7.74 -14.89
N THR A 139 -5.17 8.39 -15.03
CA THR A 139 -5.66 9.26 -13.98
C THR A 139 -6.46 8.40 -13.02
N CYS A 140 -5.83 8.10 -11.89
CA CYS A 140 -6.45 7.34 -10.82
C CYS A 140 -7.11 8.37 -9.87
N SER A 141 -6.94 8.23 -8.57
CA SER A 141 -7.55 9.13 -7.60
C SER A 141 -7.13 8.71 -6.20
N VAL A 142 -7.19 9.65 -5.26
CA VAL A 142 -7.16 9.31 -3.84
C VAL A 142 -8.18 8.20 -3.57
N GLY A 143 -9.31 8.26 -4.28
CA GLY A 143 -10.36 7.26 -4.22
C GLY A 143 -9.97 5.83 -4.62
N GLY A 144 -8.87 5.70 -5.35
CA GLY A 144 -8.27 4.41 -5.61
C GLY A 144 -7.43 3.85 -4.46
N LEU A 145 -7.10 4.69 -3.48
CA LEU A 145 -6.24 4.31 -2.35
C LEU A 145 -7.03 4.17 -1.06
N VAL A 146 -7.94 5.11 -0.83
CA VAL A 146 -8.88 5.09 0.28
C VAL A 146 -10.27 5.42 -0.28
N ALA A 147 -11.30 5.31 0.54
CA ALA A 147 -12.66 5.60 0.11
C ALA A 147 -13.03 7.06 0.36
N TRP A 148 -13.44 7.75 -0.70
CA TRP A 148 -14.18 9.00 -0.55
C TRP A 148 -15.59 8.59 -0.12
N PRO A 149 -16.21 9.35 0.80
CA PRO A 149 -17.60 9.04 1.18
C PRO A 149 -18.61 9.23 0.03
N ASP A 150 -19.63 8.37 0.02
CA ASP A 150 -20.81 8.50 -0.83
C ASP A 150 -20.62 8.28 -2.33
N ILE A 151 -19.42 7.88 -2.78
CA ILE A 151 -19.18 7.61 -4.20
C ILE A 151 -18.54 6.24 -4.42
N PRO A 152 -19.20 5.18 -3.93
CA PRO A 152 -18.62 3.83 -3.95
C PRO A 152 -18.26 3.32 -5.34
N ALA A 153 -19.12 3.56 -6.32
CA ALA A 153 -18.86 3.12 -7.69
C ALA A 153 -17.62 3.81 -8.26
N TYR A 154 -17.45 5.09 -7.96
CA TYR A 154 -16.27 5.83 -8.37
C TYR A 154 -15.00 5.26 -7.74
N ASN A 155 -15.04 5.09 -6.42
CA ASN A 155 -13.91 4.51 -5.71
C ASN A 155 -13.54 3.14 -6.29
N ALA A 156 -14.54 2.27 -6.44
CA ALA A 156 -14.35 0.96 -7.05
C ALA A 156 -13.67 1.06 -8.41
N SER A 157 -14.16 1.97 -9.25
CA SER A 157 -13.59 2.13 -10.59
C SER A 157 -12.12 2.53 -10.51
N LYS A 158 -11.78 3.39 -9.57
CA LYS A 158 -10.40 3.87 -9.43
C LYS A 158 -9.50 2.81 -8.81
N GLY A 159 -10.06 1.93 -7.98
CA GLY A 159 -9.33 0.75 -7.52
C GLY A 159 -8.97 -0.12 -8.71
N GLY A 160 -9.89 -0.22 -9.67
CA GLY A 160 -9.66 -0.90 -10.93
C GLY A 160 -8.57 -0.26 -11.74
N VAL A 161 -8.56 1.07 -11.79
CA VAL A 161 -7.54 1.82 -12.50
C VAL A 161 -6.15 1.55 -11.91
N LEU A 162 -6.05 1.54 -10.58
CA LEU A 162 -4.76 1.32 -9.91
C LEU A 162 -4.17 -0.03 -10.31
N GLN A 163 -4.98 -1.08 -10.22
CA GLN A 163 -4.51 -2.43 -10.51
C GLN A 163 -4.31 -2.68 -11.99
N LEU A 164 -5.13 -2.06 -12.84
CA LEU A 164 -4.93 -2.12 -14.28
C LEU A 164 -3.58 -1.47 -14.65
N THR A 165 -3.29 -0.33 -14.01
CA THR A 165 -2.01 0.34 -14.18
C THR A 165 -0.86 -0.60 -13.87
N LYS A 166 -0.92 -1.25 -12.71
CA LYS A 166 0.14 -2.15 -12.29
C LYS A 166 0.23 -3.37 -13.20
N SER A 167 -0.92 -3.89 -13.60
CA SER A 167 -0.96 -5.04 -14.48
C SER A 167 -0.28 -4.78 -15.82
N MET A 168 -0.65 -3.68 -16.46
CA MET A 168 -0.06 -3.33 -17.74
C MET A 168 1.43 -3.03 -17.57
N ALA A 169 1.82 -2.44 -16.45
CA ALA A 169 3.23 -2.18 -16.18
C ALA A 169 4.03 -3.47 -16.19
N VAL A 170 3.53 -4.46 -15.47
CA VAL A 170 4.21 -5.74 -15.33
C VAL A 170 4.23 -6.52 -16.64
N ASP A 171 3.10 -6.55 -17.35
CA ASP A 171 3.01 -7.32 -18.58
C ASP A 171 3.78 -6.69 -19.76
N TYR A 172 3.97 -5.38 -19.75
CA TYR A 172 4.60 -4.70 -20.91
C TYR A 172 5.96 -4.04 -20.64
N ALA A 173 6.51 -4.23 -19.44
CA ALA A 173 7.86 -3.76 -19.12
C ALA A 173 8.92 -4.34 -20.07
N LYS A 174 8.81 -5.62 -20.39
CA LYS A 174 9.77 -6.26 -21.30
C LYS A 174 9.79 -5.60 -22.68
N HIS A 175 8.71 -4.92 -23.06
CA HIS A 175 8.64 -4.17 -24.34
C HIS A 175 8.89 -2.68 -24.17
N GLN A 176 9.50 -2.29 -23.04
CA GLN A 176 9.84 -0.89 -22.74
C GLN A 176 8.65 0.07 -22.81
N ILE A 177 7.49 -0.41 -22.39
CA ILE A 177 6.31 0.42 -22.29
C ILE A 177 6.06 0.66 -20.81
N ARG A 178 6.33 1.88 -20.37
CA ARG A 178 6.13 2.23 -18.98
C ARG A 178 4.66 2.59 -18.77
N VAL A 179 4.13 2.18 -17.63
CA VAL A 179 2.75 2.45 -17.25
C VAL A 179 2.70 2.92 -15.80
N ASN A 180 2.19 4.12 -15.57
CA ASN A 180 2.05 4.66 -14.21
C ASN A 180 0.74 5.40 -14.06
N CYS A 181 0.40 5.77 -12.84
CA CYS A 181 -0.79 6.57 -12.63
C CYS A 181 -0.54 7.73 -11.67
N VAL A 182 -1.39 8.74 -11.76
CA VAL A 182 -1.41 9.84 -10.79
C VAL A 182 -2.69 9.74 -10.01
N CYS A 183 -2.60 9.97 -8.71
CA CYS A 183 -3.74 9.90 -7.82
C CYS A 183 -4.01 11.30 -7.26
N PRO A 184 -4.86 12.07 -7.96
CA PRO A 184 -5.17 13.41 -7.45
C PRO A 184 -6.06 13.39 -6.22
N GLY A 185 -5.84 14.36 -5.34
CA GLY A 185 -6.79 14.68 -4.29
C GLY A 185 -7.93 15.52 -4.85
N ILE A 186 -8.39 16.48 -4.05
CA ILE A 186 -9.49 17.34 -4.47
C ILE A 186 -8.94 18.51 -5.29
N ILE A 187 -9.33 18.55 -6.56
CA ILE A 187 -8.87 19.55 -7.51
C ILE A 187 -10.00 20.52 -7.81
N ASP A 188 -9.65 21.81 -7.87
CA ASP A 188 -10.59 22.87 -8.17
C ASP A 188 -10.81 23.00 -9.68
N THR A 189 -11.79 22.27 -10.21
CA THR A 189 -12.20 22.37 -11.63
C THR A 189 -13.67 22.76 -11.69
N PRO A 190 -14.11 23.34 -12.79
CA PRO A 190 -15.51 23.67 -12.98
C PRO A 190 -16.52 22.56 -12.71
N LEU A 191 -16.23 21.35 -13.14
CA LEU A 191 -17.15 20.26 -12.93
C LEU A 191 -17.13 19.79 -11.51
N ASN A 192 -16.00 19.88 -10.83
CA ASN A 192 -15.98 19.62 -9.40
C ASN A 192 -16.72 20.65 -8.57
N GLU A 193 -16.80 21.91 -9.05
CA GLU A 193 -17.61 22.94 -8.38
C GLU A 193 -19.11 22.62 -8.42
N LYS A 194 -19.58 22.07 -9.55
CA LYS A 194 -20.95 21.59 -9.64
C LYS A 194 -21.21 20.48 -8.60
N SER A 195 -20.27 19.56 -8.47
CA SER A 195 -20.40 18.49 -7.49
C SER A 195 -20.41 19.03 -6.06
N PHE A 196 -19.59 20.04 -5.80
CA PHE A 196 -19.58 20.71 -4.49
C PHE A 196 -20.96 21.25 -4.10
N LEU A 197 -21.61 21.96 -5.02
CA LEU A 197 -22.93 22.55 -4.73
C LEU A 197 -24.03 21.51 -4.56
N GLU A 198 -24.00 20.48 -5.39
CA GLU A 198 -25.01 19.42 -5.37
C GLU A 198 -25.00 18.62 -4.09
N ASN A 199 -23.82 18.43 -3.51
CA ASN A 199 -23.62 17.46 -2.44
C ASN A 199 -23.20 18.06 -1.10
N ASN A 200 -23.21 19.38 -0.99
CA ASN A 200 -22.95 20.07 0.28
C ASN A 200 -23.84 21.30 0.41
N GLU A 201 -24.08 21.74 1.65
CA GLU A 201 -24.85 22.95 1.91
C GLU A 201 -23.90 24.14 1.97
N GLY A 202 -24.43 25.31 1.65
CA GLY A 202 -23.68 26.57 1.67
C GLY A 202 -23.40 27.12 0.28
N THR A 203 -22.77 28.29 0.21
CA THR A 203 -22.38 28.86 -1.08
C THR A 203 -21.18 28.10 -1.61
N LEU A 204 -20.89 28.29 -2.89
CA LEU A 204 -19.71 27.70 -3.51
C LEU A 204 -18.45 28.04 -2.72
N GLU A 205 -18.28 29.32 -2.37
CA GLU A 205 -17.05 29.75 -1.70
C GLU A 205 -16.93 29.15 -0.29
N GLU A 206 -18.06 29.05 0.41
CA GLU A 206 -18.08 28.38 1.71
C GLU A 206 -17.71 26.90 1.62
N ILE A 207 -18.24 26.21 0.61
CA ILE A 207 -17.95 24.79 0.44
C ILE A 207 -16.48 24.59 0.07
N LYS A 208 -15.97 25.44 -0.81
CA LYS A 208 -14.55 25.42 -1.16
C LYS A 208 -13.63 25.58 0.06
N LYS A 209 -14.01 26.50 0.96
CA LYS A 209 -13.25 26.72 2.20
C LYS A 209 -13.25 25.46 3.08
N GLU A 210 -14.39 24.78 3.19
CA GLU A 210 -14.46 23.53 3.95
C GLU A 210 -13.57 22.44 3.35
N LYS A 211 -13.65 22.29 2.03
CA LYS A 211 -12.88 21.27 1.31
C LYS A 211 -11.37 21.55 1.40
N ALA A 212 -10.99 22.82 1.32
CA ALA A 212 -9.59 23.21 1.46
C ALA A 212 -8.99 22.78 2.81
N LYS A 213 -9.81 22.85 3.86
CA LYS A 213 -9.38 22.56 5.23
C LYS A 213 -9.08 21.08 5.52
N VAL A 214 -9.59 20.16 4.71
CA VAL A 214 -9.34 18.72 4.96
C VAL A 214 -7.99 18.24 4.43
N ASN A 215 -7.27 19.10 3.71
CA ASN A 215 -5.90 18.81 3.27
C ASN A 215 -4.93 19.50 4.19
N PRO A 216 -3.87 18.80 4.61
CA PRO A 216 -2.80 19.44 5.38
C PRO A 216 -2.25 20.74 4.75
N LEU A 217 -2.16 20.81 3.43
CA LEU A 217 -1.71 22.07 2.76
C LEU A 217 -2.75 23.19 2.81
N LEU A 218 -3.97 22.88 3.27
CA LEU A 218 -5.02 23.87 3.51
C LEU A 218 -5.51 24.56 2.24
N ARG A 219 -5.41 23.87 1.10
CA ARG A 219 -5.95 24.39 -0.15
C ARG A 219 -6.30 23.26 -1.09
N LEU A 220 -7.18 23.57 -2.04
CA LEU A 220 -7.50 22.65 -3.12
C LEU A 220 -6.37 22.65 -4.14
N GLY A 221 -6.23 21.55 -4.86
CA GLY A 221 -5.23 21.47 -5.90
C GLY A 221 -5.69 22.20 -7.15
N LYS A 222 -4.73 22.69 -7.93
CA LYS A 222 -5.04 23.29 -9.22
C LYS A 222 -4.84 22.25 -10.31
N PRO A 223 -5.65 22.30 -11.38
CA PRO A 223 -5.53 21.35 -12.49
C PRO A 223 -4.10 21.23 -13.01
N GLU A 224 -3.41 22.35 -13.13
CA GLU A 224 -2.04 22.37 -13.65
C GLU A 224 -1.06 21.61 -12.74
N GLU A 225 -1.37 21.54 -11.45
CA GLU A 225 -0.53 20.80 -10.51
C GLU A 225 -0.58 19.29 -10.74
N ILE A 226 -1.70 18.80 -11.27
CA ILE A 226 -1.80 17.42 -11.74
C ILE A 226 -1.18 17.27 -13.13
N ALA A 227 -1.46 18.23 -14.02
CA ALA A 227 -0.83 18.22 -15.35
C ALA A 227 0.70 18.11 -15.24
N ASN A 228 1.29 18.82 -14.27
CA ASN A 228 2.74 18.76 -14.06
C ASN A 228 3.28 17.39 -13.66
N VAL A 229 2.49 16.62 -12.92
CA VAL A 229 2.84 15.26 -12.59
C VAL A 229 2.83 14.43 -13.88
N MET A 230 1.86 14.68 -14.74
CA MET A 230 1.77 13.97 -16.02
C MET A 230 2.99 14.26 -16.90
N LEU A 231 3.46 15.50 -16.91
CA LEU A 231 4.67 15.83 -17.67
C LEU A 231 5.83 14.98 -17.20
N PHE A 232 6.00 14.90 -15.89
CA PHE A 232 7.07 14.11 -15.30
C PHE A 232 6.99 12.64 -15.73
N LEU A 233 5.79 12.07 -15.63
CA LEU A 233 5.60 10.64 -15.95
C LEU A 233 5.80 10.34 -17.43
N ALA A 234 5.48 11.30 -18.29
CA ALA A 234 5.69 11.16 -19.73
C ALA A 234 7.16 11.30 -20.12
N SER A 235 7.91 12.13 -19.39
CA SER A 235 9.29 12.44 -19.76
C SER A 235 10.25 11.33 -19.36
N ASP A 236 11.44 11.39 -19.96
CA ASP A 236 12.53 10.46 -19.65
C ASP A 236 13.04 10.59 -18.22
N LEU A 237 12.73 11.70 -17.57
CA LEU A 237 13.08 11.89 -16.17
C LEU A 237 12.59 10.71 -15.31
N SER A 238 11.41 10.18 -15.64
CA SER A 238 10.84 9.06 -14.87
C SER A 238 11.15 7.70 -15.48
N SER A 239 12.30 7.57 -16.16
CA SER A 239 12.62 6.37 -16.95
C SER A 239 12.74 5.09 -16.16
N TYR A 240 13.00 5.15 -14.86
CA TYR A 240 13.03 3.91 -14.06
C TYR A 240 11.73 3.69 -13.26
N MET A 241 10.67 4.41 -13.62
CA MET A 241 9.39 4.28 -12.94
C MET A 241 8.40 3.56 -13.84
N THR A 242 7.87 2.44 -13.34
CA THR A 242 6.75 1.80 -13.99
C THR A 242 5.97 1.02 -12.94
N GLY A 243 4.66 0.94 -13.14
CA GLY A 243 3.75 0.30 -12.20
C GLY A 243 3.57 1.06 -10.89
N SER A 244 3.89 2.35 -10.89
CA SER A 244 3.82 3.14 -9.67
C SER A 244 2.68 4.18 -9.73
N ALA A 245 2.30 4.65 -8.56
CA ALA A 245 1.27 5.66 -8.42
C ALA A 245 1.91 6.88 -7.79
N ILE A 246 1.71 8.06 -8.39
CA ILE A 246 2.14 9.30 -7.80
C ILE A 246 0.96 9.99 -7.19
N THR A 247 1.00 10.19 -5.88
CA THR A 247 -0.10 10.84 -5.18
C THR A 247 0.15 12.35 -5.14
N ALA A 248 -0.85 13.13 -5.53
CA ALA A 248 -0.81 14.58 -5.49
C ALA A 248 -2.10 15.06 -4.84
N ASP A 249 -2.10 15.11 -3.51
CA ASP A 249 -3.33 15.32 -2.77
C ASP A 249 -3.21 16.29 -1.60
N GLY A 250 -2.17 17.11 -1.59
CA GLY A 250 -1.97 18.06 -0.50
C GLY A 250 -1.81 17.44 0.89
N GLY A 251 -1.40 16.17 0.96
CA GLY A 251 -1.18 15.49 2.24
C GLY A 251 -2.36 14.68 2.76
N TYR A 252 -3.42 14.61 1.97
CA TYR A 252 -4.66 13.98 2.40
C TYR A 252 -4.51 12.53 2.89
N THR A 253 -3.84 11.68 2.11
CA THR A 253 -3.66 10.26 2.45
C THR A 253 -2.52 10.00 3.42
N ALA A 254 -1.74 11.02 3.76
CA ALA A 254 -0.66 10.89 4.73
C ALA A 254 -1.15 10.81 6.18
N GLN A 255 -2.42 11.14 6.42
CA GLN A 255 -3.03 11.11 7.77
C GLN A 255 -4.31 10.27 7.83
N MET B 1 12.80 25.80 -17.82
CA MET B 1 11.77 26.90 -17.72
C MET B 1 10.79 26.65 -16.58
N ILE B 2 10.42 25.39 -16.38
CA ILE B 2 9.37 25.03 -15.41
C ILE B 2 9.91 24.38 -14.14
N MET B 3 11.10 23.76 -14.20
CA MET B 3 11.75 23.25 -13.01
C MET B 3 11.88 24.37 -11.97
N ASN B 4 12.47 25.50 -12.39
CA ASN B 4 12.59 26.69 -11.54
C ASN B 4 13.42 26.44 -10.28
N LEU B 5 14.60 25.86 -10.47
CA LEU B 5 15.50 25.58 -9.36
C LEU B 5 16.68 26.55 -9.28
N THR B 6 16.73 27.51 -10.21
CA THR B 6 17.77 28.54 -10.22
C THR B 6 17.79 29.32 -8.89
N ASP B 7 18.96 29.38 -8.27
CA ASP B 7 19.19 30.08 -7.00
C ASP B 7 18.55 29.42 -5.76
N LYS B 8 18.01 28.21 -5.91
CA LYS B 8 17.53 27.46 -4.76
C LYS B 8 18.71 26.77 -4.13
N THR B 9 18.77 26.74 -2.81
CA THR B 9 19.87 26.11 -2.12
C THR B 9 19.41 24.74 -1.64
N VAL B 10 20.18 23.73 -2.03
CA VAL B 10 19.85 22.33 -1.82
C VAL B 10 20.97 21.65 -1.04
N LEU B 11 20.65 21.17 0.15
CA LEU B 11 21.60 20.46 1.00
C LEU B 11 21.35 18.97 0.85
N ILE B 12 22.37 18.25 0.37
CA ILE B 12 22.27 16.81 0.08
C ILE B 12 23.21 16.00 0.97
N THR B 13 22.65 15.16 1.84
CA THR B 13 23.47 14.28 2.66
C THR B 13 23.88 13.05 1.85
N GLY B 14 25.07 12.53 2.10
CA GLY B 14 25.61 11.43 1.31
C GLY B 14 25.80 11.82 -0.15
N GLY B 15 25.99 13.11 -0.40
CA GLY B 15 26.10 13.63 -1.76
C GLY B 15 27.43 13.37 -2.47
N ALA B 16 28.40 12.77 -1.79
CA ALA B 16 29.72 12.58 -2.37
C ALA B 16 29.82 11.34 -3.26
N SER B 17 28.78 10.50 -3.29
CA SER B 17 28.80 9.32 -4.16
C SER B 17 27.41 8.81 -4.52
N GLY B 18 27.39 7.84 -5.42
CA GLY B 18 26.15 7.17 -5.82
C GLY B 18 25.02 8.09 -6.20
N ILE B 19 23.84 7.79 -5.68
CA ILE B 19 22.64 8.58 -5.95
C ILE B 19 22.83 10.02 -5.52
N GLY B 20 23.45 10.22 -4.37
CA GLY B 20 23.71 11.56 -3.86
C GLY B 20 24.50 12.41 -4.84
N TYR B 21 25.57 11.83 -5.41
CA TYR B 21 26.43 12.55 -6.35
C TYR B 21 25.69 12.85 -7.64
N ALA B 22 24.95 11.87 -8.15
CA ALA B 22 24.11 12.08 -9.33
C ALA B 22 23.10 13.21 -9.07
N ALA B 23 22.60 13.29 -7.84
CA ALA B 23 21.72 14.39 -7.45
C ALA B 23 22.48 15.72 -7.46
N VAL B 24 23.71 15.74 -6.94
CA VAL B 24 24.55 16.94 -7.03
C VAL B 24 24.62 17.42 -8.48
N GLN B 25 24.96 16.50 -9.39
CA GLN B 25 25.10 16.85 -10.80
C GLN B 25 23.82 17.38 -11.39
N ALA B 26 22.71 16.70 -11.11
CA ALA B 26 21.42 17.10 -11.66
C ALA B 26 21.03 18.49 -11.18
N PHE B 27 21.18 18.75 -9.88
CA PHE B 27 20.79 20.04 -9.31
C PHE B 27 21.70 21.19 -9.78
N LEU B 28 23.02 20.95 -9.85
CA LEU B 28 23.93 21.94 -10.43
C LEU B 28 23.54 22.25 -11.87
N GLY B 29 23.22 21.21 -12.63
CA GLY B 29 22.70 21.34 -13.99
C GLY B 29 21.43 22.17 -14.12
N GLN B 30 20.63 22.25 -13.05
CA GLN B 30 19.45 23.13 -13.01
C GLN B 30 19.72 24.48 -12.35
N GLN B 31 20.98 24.82 -12.15
CA GLN B 31 21.40 26.12 -11.57
C GLN B 31 21.06 26.32 -10.10
N ALA B 32 20.89 25.21 -9.38
CA ALA B 32 20.72 25.27 -7.94
C ALA B 32 22.09 25.41 -7.28
N ASN B 33 22.12 26.04 -6.12
CA ASN B 33 23.28 25.96 -5.26
C ASN B 33 23.19 24.67 -4.47
N VAL B 34 24.28 23.91 -4.42
CA VAL B 34 24.28 22.62 -3.76
C VAL B 34 25.30 22.58 -2.65
N VAL B 35 24.88 22.08 -1.50
CA VAL B 35 25.78 21.85 -0.38
C VAL B 35 25.76 20.37 -0.08
N VAL B 36 26.93 19.74 -0.07
CA VAL B 36 27.04 18.31 0.19
C VAL B 36 27.53 18.10 1.61
N ALA B 37 26.76 17.32 2.38
CA ALA B 37 27.14 16.94 3.73
C ALA B 37 27.43 15.44 3.71
N ASP B 38 28.71 15.08 3.83
CA ASP B 38 29.12 13.70 3.73
C ASP B 38 30.28 13.44 4.68
N ILE B 39 30.37 12.22 5.18
CA ILE B 39 31.36 11.87 6.19
C ILE B 39 32.76 11.69 5.58
N ASP B 40 32.82 11.42 4.29
CA ASP B 40 34.06 11.10 3.60
C ASP B 40 34.75 12.36 3.05
N GLU B 41 35.66 12.90 3.85
CA GLU B 41 36.33 14.17 3.51
C GLU B 41 37.07 14.09 2.17
N ALA B 42 37.83 13.02 1.98
CA ALA B 42 38.63 12.82 0.77
C ALA B 42 37.75 12.79 -0.47
N GLN B 43 36.70 11.98 -0.40
CA GLN B 43 35.78 11.84 -1.53
C GLN B 43 35.02 13.13 -1.78
N GLY B 44 34.67 13.84 -0.71
CA GLY B 44 34.03 15.13 -0.81
C GLY B 44 34.87 16.18 -1.52
N GLU B 45 36.14 16.28 -1.15
CA GLU B 45 37.07 17.24 -1.78
C GLU B 45 37.35 16.86 -3.23
N ALA B 46 37.49 15.56 -3.49
CA ALA B 46 37.65 15.06 -4.85
C ALA B 46 36.49 15.52 -5.71
N MET B 47 35.27 15.33 -5.20
CA MET B 47 34.05 15.81 -5.86
C MET B 47 34.13 17.29 -6.19
N VAL B 48 34.52 18.11 -5.23
CA VAL B 48 34.64 19.55 -5.43
C VAL B 48 35.59 19.88 -6.60
N ARG B 49 36.74 19.21 -6.63
CA ARG B 49 37.73 19.42 -7.70
C ARG B 49 37.21 19.00 -9.08
N LYS B 50 36.60 17.82 -9.16
CA LYS B 50 36.06 17.30 -10.41
C LYS B 50 34.96 18.21 -10.96
N GLU B 51 34.01 18.61 -10.12
CA GLU B 51 32.88 19.44 -10.55
C GLU B 51 33.28 20.87 -10.83
N ASN B 52 34.22 21.40 -10.04
CA ASN B 52 34.80 22.73 -10.29
C ASN B 52 33.70 23.76 -10.59
N ASN B 53 32.85 24.00 -9.61
CA ASN B 53 31.63 24.80 -9.80
C ASN B 53 31.43 25.73 -8.60
N ASP B 54 31.20 27.02 -8.87
CA ASP B 54 30.89 28.01 -7.81
C ASP B 54 29.72 27.62 -6.96
N ARG B 55 28.76 26.95 -7.59
CA ARG B 55 27.49 26.65 -6.93
C ARG B 55 27.60 25.44 -6.01
N LEU B 56 28.76 24.78 -5.98
CA LEU B 56 28.96 23.62 -5.13
C LEU B 56 29.79 23.95 -3.92
N HIS B 57 29.38 23.45 -2.75
CA HIS B 57 30.14 23.57 -1.52
C HIS B 57 30.12 22.23 -0.80
N PHE B 58 31.25 21.83 -0.24
CA PHE B 58 31.33 20.61 0.56
C PHE B 58 31.59 20.97 2.01
N VAL B 59 30.88 20.28 2.90
CA VAL B 59 31.10 20.40 4.33
C VAL B 59 31.09 18.99 4.93
N GLN B 60 32.24 18.58 5.45
CA GLN B 60 32.36 17.29 6.13
C GLN B 60 31.32 17.20 7.23
N THR B 61 30.59 16.10 7.28
CA THR B 61 29.47 15.93 8.22
C THR B 61 29.21 14.46 8.55
N ASP B 62 29.23 14.12 9.85
CA ASP B 62 28.74 12.85 10.35
C ASP B 62 27.33 13.07 10.88
N ILE B 63 26.31 12.63 10.12
CA ILE B 63 24.93 12.92 10.47
C ILE B 63 24.44 12.23 11.75
N THR B 64 25.19 11.27 12.27
CA THR B 64 24.84 10.65 13.55
C THR B 64 25.14 11.58 14.73
N ASP B 65 25.84 12.68 14.47
CA ASP B 65 26.18 13.66 15.50
C ASP B 65 25.37 14.94 15.29
N GLU B 66 24.62 15.36 16.32
CA GLU B 66 23.72 16.51 16.16
C GLU B 66 24.43 17.82 15.85
N ALA B 67 25.53 18.09 16.56
CA ALA B 67 26.31 19.30 16.29
C ALA B 67 26.74 19.38 14.84
N ALA B 68 27.19 18.25 14.28
CA ALA B 68 27.60 18.22 12.87
C ALA B 68 26.43 18.49 11.92
N CYS B 69 25.23 18.04 12.28
CA CYS B 69 24.03 18.28 11.49
C CYS B 69 23.66 19.75 11.47
N GLN B 70 23.62 20.35 12.66
CA GLN B 70 23.43 21.79 12.78
C GLN B 70 24.47 22.56 11.96
N HIS B 71 25.73 22.18 12.11
CA HIS B 71 26.83 22.82 11.38
C HIS B 71 26.64 22.73 9.87
N ALA B 72 26.14 21.60 9.38
CA ALA B 72 25.88 21.44 7.95
C ALA B 72 24.79 22.39 7.47
N VAL B 73 23.73 22.52 8.29
CA VAL B 73 22.66 23.47 7.97
C VAL B 73 23.19 24.90 7.97
N GLU B 74 23.99 25.24 8.98
CA GLU B 74 24.58 26.59 9.08
C GLU B 74 25.52 26.88 7.91
N SER B 75 26.25 25.86 7.48
CA SER B 75 27.15 26.00 6.32
C SER B 75 26.40 26.40 5.06
N ALA B 76 25.23 25.83 4.86
CA ALA B 76 24.38 26.18 3.72
C ALA B 76 23.89 27.62 3.81
N VAL B 77 23.47 28.03 4.99
CA VAL B 77 22.96 29.40 5.20
C VAL B 77 24.09 30.43 5.02
N HIS B 78 25.28 30.16 5.59
CA HIS B 78 26.42 31.07 5.45
C HIS B 78 26.88 31.18 4.01
N THR B 79 27.03 30.03 3.34
CA THR B 79 27.62 29.99 2.01
C THR B 79 26.72 30.60 0.93
N PHE B 80 25.44 30.23 0.94
CA PHE B 80 24.52 30.65 -0.13
C PHE B 80 23.36 31.52 0.33
N GLY B 81 23.29 31.83 1.62
CA GLY B 81 22.30 32.77 2.13
C GLY B 81 20.97 32.19 2.59
N GLY B 82 20.79 30.88 2.44
CA GLY B 82 19.53 30.24 2.84
C GLY B 82 19.55 28.74 2.68
N LEU B 83 18.38 28.13 2.79
CA LEU B 83 18.22 26.68 2.59
C LEU B 83 16.80 26.39 2.18
N ASP B 84 16.61 26.03 0.92
CA ASP B 84 15.27 25.78 0.36
C ASP B 84 14.88 24.30 0.39
N VAL B 85 15.85 23.43 0.15
CA VAL B 85 15.61 22.00 0.03
C VAL B 85 16.65 21.20 0.82
N LEU B 86 16.17 20.29 1.68
CA LEU B 86 17.02 19.30 2.31
C LEU B 86 16.72 17.95 1.70
N ILE B 87 17.76 17.28 1.21
CA ILE B 87 17.64 15.91 0.74
C ILE B 87 18.40 14.99 1.69
N ASN B 88 17.66 14.24 2.52
CA ASN B 88 18.24 13.25 3.41
C ASN B 88 18.48 11.95 2.66
N ASN B 89 19.67 11.82 2.07
CA ASN B 89 19.99 10.72 1.19
C ASN B 89 21.00 9.71 1.76
N ALA B 90 21.83 10.12 2.72
CA ALA B 90 22.80 9.21 3.30
C ALA B 90 22.09 7.97 3.88
N GLY B 91 22.72 6.81 3.72
CA GLY B 91 22.21 5.58 4.31
C GLY B 91 23.26 4.50 4.19
N ILE B 92 23.19 3.51 5.07
CA ILE B 92 24.08 2.35 4.99
C ILE B 92 23.27 1.08 5.08
N GLU B 93 23.92 -0.02 4.69
CA GLU B 93 23.35 -1.35 4.69
C GLU B 93 24.33 -2.29 5.39
N ILE B 94 23.84 -3.07 6.34
CA ILE B 94 24.59 -4.18 6.91
C ILE B 94 23.74 -5.45 6.77
N VAL B 95 24.34 -6.50 6.22
CA VAL B 95 23.65 -7.76 5.99
C VAL B 95 23.84 -8.66 7.19
N ALA B 96 22.73 -8.99 7.83
CA ALA B 96 22.74 -9.86 9.00
C ALA B 96 21.32 -10.24 9.34
N PRO B 97 21.08 -11.52 9.67
CA PRO B 97 19.76 -11.93 10.10
C PRO B 97 19.51 -11.48 11.54
N ILE B 98 18.24 -11.27 11.88
CA ILE B 98 17.85 -10.77 13.21
C ILE B 98 18.42 -11.64 14.33
N HIS B 99 18.35 -12.95 14.17
CA HIS B 99 18.78 -13.88 15.22
C HIS B 99 20.29 -13.88 15.49
N GLU B 100 21.07 -13.33 14.57
CA GLU B 100 22.52 -13.22 14.75
C GLU B 100 23.05 -11.78 14.89
N MET B 101 22.22 -10.78 14.65
CA MET B 101 22.73 -9.41 14.51
C MET B 101 23.16 -8.81 15.84
N GLU B 102 24.33 -8.17 15.82
CA GLU B 102 24.85 -7.44 16.98
C GLU B 102 24.08 -6.14 17.18
N LEU B 103 23.79 -5.81 18.43
CA LEU B 103 23.11 -4.56 18.75
C LEU B 103 23.87 -3.37 18.19
N SER B 104 25.20 -3.39 18.29
CA SER B 104 26.00 -2.28 17.77
C SER B 104 25.80 -2.10 16.27
N ASP B 105 25.64 -3.20 15.55
CA ASP B 105 25.37 -3.15 14.12
C ASP B 105 23.95 -2.67 13.79
N TRP B 106 22.96 -3.14 14.54
CA TRP B 106 21.61 -2.62 14.43
C TRP B 106 21.62 -1.10 14.58
N ASN B 107 22.26 -0.59 15.64
CA ASN B 107 22.30 0.84 15.91
C ASN B 107 23.05 1.65 14.86
N LYS B 108 24.12 1.10 14.29
CA LYS B 108 24.83 1.79 13.22
C LYS B 108 23.93 2.03 12.00
N VAL B 109 23.09 1.06 11.67
CA VAL B 109 22.18 1.19 10.53
C VAL B 109 21.09 2.22 10.83
N LEU B 110 20.45 2.09 11.99
CA LEU B 110 19.39 3.01 12.40
C LEU B 110 19.89 4.44 12.60
N GLN B 111 21.08 4.60 13.16
CA GLN B 111 21.62 5.93 13.43
C GLN B 111 21.84 6.75 12.16
N VAL B 112 22.37 6.12 11.11
CA VAL B 112 22.57 6.83 9.85
C VAL B 112 21.25 6.98 9.10
N ASN B 113 20.54 5.87 8.95
CA ASN B 113 19.36 5.84 8.08
C ASN B 113 18.18 6.61 8.63
N LEU B 114 18.00 6.61 9.95
CA LEU B 114 16.82 7.20 10.56
C LEU B 114 17.16 8.34 11.53
N THR B 115 17.98 8.07 12.54
CA THR B 115 18.34 9.13 13.50
C THR B 115 18.95 10.33 12.79
N GLY B 116 19.89 10.09 11.88
CA GLY B 116 20.54 11.19 11.14
C GLY B 116 19.55 11.99 10.32
N MET B 117 18.55 11.31 9.77
CA MET B 117 17.49 11.97 9.03
C MET B 117 16.70 12.90 9.96
N PHE B 118 16.40 12.40 11.16
CA PHE B 118 15.75 13.20 12.19
C PHE B 118 16.57 14.43 12.53
N LEU B 119 17.85 14.23 12.84
CA LEU B 119 18.72 15.33 13.26
C LEU B 119 18.91 16.38 12.17
N MET B 120 19.17 15.95 10.94
CA MET B 120 19.26 16.90 9.83
C MET B 120 17.96 17.66 9.66
N SER B 121 16.83 16.94 9.72
CA SER B 121 15.52 17.56 9.52
C SER B 121 15.19 18.54 10.64
N LYS B 122 15.51 18.16 11.88
CA LYS B 122 15.31 19.05 13.03
C LYS B 122 15.87 20.44 12.75
N HIS B 123 17.15 20.50 12.38
CA HIS B 123 17.84 21.77 12.21
C HIS B 123 17.50 22.49 10.93
N ALA B 124 17.25 21.74 9.86
CA ALA B 124 16.74 22.34 8.64
C ALA B 124 15.38 23.01 8.90
N LEU B 125 14.51 22.33 9.64
CA LEU B 125 13.17 22.81 9.90
C LEU B 125 13.16 24.08 10.74
N LYS B 126 14.05 24.17 11.73
CA LYS B 126 14.22 25.41 12.51
C LYS B 126 14.39 26.60 11.58
N HIS B 127 15.25 26.44 10.57
CA HIS B 127 15.50 27.51 9.59
C HIS B 127 14.32 27.71 8.65
N MET B 128 13.77 26.62 8.14
CA MET B 128 12.66 26.69 7.18
C MET B 128 11.40 27.29 7.79
N LEU B 129 11.14 26.99 9.07
CA LEU B 129 10.04 27.61 9.80
C LEU B 129 10.20 29.13 9.86
N ALA B 130 11.39 29.57 10.25
CA ALA B 130 11.72 30.98 10.28
C ALA B 130 11.60 31.62 8.89
N ALA B 131 12.08 30.93 7.86
CA ALA B 131 12.04 31.46 6.49
C ALA B 131 10.64 31.48 5.86
N GLY B 132 9.72 30.69 6.40
CA GLY B 132 8.34 30.66 5.91
C GLY B 132 8.08 29.68 4.77
N LYS B 133 9.07 28.87 4.43
CA LYS B 133 8.90 27.85 3.39
C LYS B 133 10.06 26.88 3.41
N GLY B 134 9.88 25.76 2.73
CA GLY B 134 10.91 24.74 2.66
C GLY B 134 10.44 23.49 1.96
N ASN B 135 11.38 22.57 1.75
CA ASN B 135 11.12 21.32 1.08
C ASN B 135 12.10 20.29 1.63
N ILE B 136 11.59 19.15 2.08
CA ILE B 136 12.45 18.04 2.50
C ILE B 136 12.16 16.82 1.64
N ILE B 137 13.23 16.19 1.17
CA ILE B 137 13.13 14.99 0.34
C ILE B 137 13.95 13.90 0.99
N ASN B 138 13.32 12.77 1.29
CA ASN B 138 13.99 11.68 1.94
C ASN B 138 14.21 10.52 0.99
N THR B 139 15.40 9.92 1.07
CA THR B 139 15.68 8.74 0.29
C THR B 139 15.24 7.53 1.11
N CYS B 140 14.08 6.99 0.73
CA CYS B 140 13.51 5.81 1.35
C CYS B 140 14.05 4.60 0.57
N SER B 141 13.20 3.64 0.21
CA SER B 141 13.63 2.44 -0.50
C SER B 141 12.43 1.57 -0.76
N VAL B 142 12.53 0.71 -1.79
CA VAL B 142 11.60 -0.40 -1.93
C VAL B 142 11.50 -1.14 -0.60
N GLY B 143 12.62 -1.23 0.13
CA GLY B 143 12.68 -1.82 1.46
C GLY B 143 11.81 -1.18 2.54
N GLY B 144 11.39 0.06 2.30
CA GLY B 144 10.40 0.69 3.15
C GLY B 144 8.96 0.28 2.86
N LEU B 145 8.74 -0.39 1.72
CA LEU B 145 7.40 -0.79 1.28
C LEU B 145 7.19 -2.30 1.41
N VAL B 146 8.19 -3.06 1.01
CA VAL B 146 8.23 -4.50 1.17
C VAL B 146 9.60 -4.87 1.75
N ALA B 147 9.79 -6.14 2.10
CA ALA B 147 11.07 -6.59 2.65
C ALA B 147 12.01 -7.08 1.57
N TRP B 148 13.20 -6.49 1.51
CA TRP B 148 14.33 -7.11 0.84
C TRP B 148 14.77 -8.26 1.73
N PRO B 149 15.15 -9.41 1.15
CA PRO B 149 15.67 -10.49 1.99
C PRO B 149 17.00 -10.16 2.67
N ASP B 150 17.17 -10.69 3.89
CA ASP B 150 18.45 -10.70 4.61
C ASP B 150 18.95 -9.34 5.13
N ILE B 151 18.17 -8.26 4.98
CA ILE B 151 18.58 -6.95 5.52
C ILE B 151 17.48 -6.32 6.38
N PRO B 152 17.06 -7.02 7.44
CA PRO B 152 15.93 -6.59 8.25
C PRO B 152 16.10 -5.23 8.90
N ALA B 153 17.30 -4.94 9.42
CA ALA B 153 17.57 -3.65 10.05
C ALA B 153 17.43 -2.51 9.04
N TYR B 154 17.91 -2.74 7.82
CA TYR B 154 17.78 -1.75 6.75
C TYR B 154 16.29 -1.52 6.42
N ASN B 155 15.56 -2.60 6.20
CA ASN B 155 14.15 -2.49 5.90
C ASN B 155 13.40 -1.73 6.99
N ALA B 156 13.63 -2.13 8.25
CA ALA B 156 13.07 -1.43 9.39
C ALA B 156 13.37 0.08 9.37
N SER B 157 14.63 0.42 9.11
CA SER B 157 15.04 1.83 9.09
C SER B 157 14.27 2.59 8.01
N LYS B 158 14.07 1.96 6.87
CA LYS B 158 13.37 2.61 5.75
C LYS B 158 11.86 2.70 5.97
N GLY B 159 11.31 1.76 6.75
CA GLY B 159 9.95 1.87 7.21
C GLY B 159 9.81 3.10 8.09
N GLY B 160 10.84 3.35 8.91
CA GLY B 160 10.93 4.55 9.72
C GLY B 160 11.02 5.82 8.90
N VAL B 161 11.79 5.77 7.82
CA VAL B 161 11.89 6.89 6.90
C VAL B 161 10.55 7.23 6.27
N LEU B 162 9.81 6.20 5.84
CA LEU B 162 8.51 6.40 5.19
C LEU B 162 7.54 7.15 6.12
N GLN B 163 7.43 6.67 7.36
CA GLN B 163 6.50 7.27 8.31
C GLN B 163 6.98 8.62 8.86
N LEU B 164 8.29 8.79 8.99
CA LEU B 164 8.86 10.10 9.36
C LEU B 164 8.53 11.12 8.27
N THR B 165 8.68 10.71 7.02
CA THR B 165 8.32 11.53 5.87
C THR B 165 6.87 12.00 5.99
N LYS B 166 5.96 11.07 6.21
CA LYS B 166 4.54 11.40 6.31
C LYS B 166 4.25 12.27 7.52
N SER B 167 4.90 11.95 8.64
CA SER B 167 4.72 12.72 9.87
C SER B 167 5.10 14.18 9.69
N MET B 168 6.29 14.42 9.15
CA MET B 168 6.76 15.78 8.95
C MET B 168 5.88 16.49 7.93
N ALA B 169 5.41 15.76 6.91
CA ALA B 169 4.50 16.35 5.92
C ALA B 169 3.24 16.91 6.60
N VAL B 170 2.64 16.10 7.46
CA VAL B 170 1.39 16.45 8.12
C VAL B 170 1.59 17.57 9.14
N ASP B 171 2.65 17.49 9.93
CA ASP B 171 2.92 18.50 10.96
C ASP B 171 3.37 19.86 10.41
N TYR B 172 3.98 19.89 9.23
CA TYR B 172 4.54 21.15 8.69
C TYR B 172 3.89 21.68 7.40
N ALA B 173 2.82 21.04 6.95
CA ALA B 173 2.08 21.53 5.79
C ALA B 173 1.53 22.94 6.00
N LYS B 174 1.03 23.23 7.21
CA LYS B 174 0.51 24.55 7.51
C LYS B 174 1.58 25.67 7.36
N HIS B 175 2.87 25.30 7.45
CA HIS B 175 3.98 26.25 7.26
C HIS B 175 4.57 26.17 5.85
N GLN B 176 3.82 25.58 4.91
CA GLN B 176 4.25 25.45 3.52
C GLN B 176 5.61 24.75 3.33
N ILE B 177 5.88 23.77 4.19
CA ILE B 177 7.06 22.94 4.04
C ILE B 177 6.61 21.58 3.54
N ARG B 178 6.88 21.30 2.27
CA ARG B 178 6.52 20.03 1.68
C ARG B 178 7.56 18.99 2.04
N VAL B 179 7.11 17.76 2.32
CA VAL B 179 7.98 16.65 2.67
C VAL B 179 7.54 15.41 1.90
N ASN B 180 8.45 14.85 1.10
CA ASN B 180 8.15 13.62 0.34
C ASN B 180 9.34 12.71 0.35
N CYS B 181 9.16 11.49 -0.14
CA CYS B 181 10.29 10.59 -0.29
C CYS B 181 10.30 9.88 -1.63
N VAL B 182 11.49 9.41 -2.02
CA VAL B 182 11.63 8.55 -3.18
C VAL B 182 12.02 7.17 -2.68
N CYS B 183 11.44 6.15 -3.30
CA CYS B 183 11.71 4.76 -2.95
C CYS B 183 12.40 4.08 -4.11
N PRO B 184 13.74 4.14 -4.14
CA PRO B 184 14.46 3.45 -5.21
C PRO B 184 14.44 1.93 -5.11
N GLY B 185 14.42 1.27 -6.26
CA GLY B 185 14.70 -0.16 -6.34
C GLY B 185 16.19 -0.40 -6.29
N ILE B 186 16.65 -1.38 -7.06
CA ILE B 186 18.07 -1.72 -7.09
C ILE B 186 18.78 -0.81 -8.07
N ILE B 187 19.69 0.01 -7.56
CA ILE B 187 20.43 0.98 -8.33
C ILE B 187 21.88 0.54 -8.48
N ASP B 188 22.42 0.70 -9.69
CA ASP B 188 23.78 0.33 -9.99
C ASP B 188 24.74 1.43 -9.56
N THR B 189 25.24 1.35 -8.32
CA THR B 189 26.26 2.26 -7.80
C THR B 189 27.48 1.45 -7.34
N PRO B 190 28.66 2.08 -7.32
CA PRO B 190 29.87 1.39 -6.86
C PRO B 190 29.72 0.70 -5.50
N LEU B 191 29.15 1.41 -4.53
CA LEU B 191 28.94 0.85 -3.20
C LEU B 191 28.06 -0.39 -3.25
N ASN B 192 27.02 -0.34 -4.07
CA ASN B 192 26.11 -1.47 -4.23
C ASN B 192 26.82 -2.68 -4.83
N GLU B 193 27.70 -2.42 -5.79
CA GLU B 193 28.50 -3.49 -6.42
C GLU B 193 29.32 -4.29 -5.40
N LYS B 194 29.86 -3.60 -4.40
CA LYS B 194 30.52 -4.28 -3.28
C LYS B 194 29.55 -5.19 -2.55
N SER B 195 28.34 -4.70 -2.30
CA SER B 195 27.31 -5.52 -1.64
C SER B 195 26.93 -6.75 -2.48
N PHE B 196 26.85 -6.56 -3.81
CA PHE B 196 26.57 -7.67 -4.71
C PHE B 196 27.59 -8.80 -4.55
N LEU B 197 28.88 -8.47 -4.53
CA LEU B 197 29.94 -9.48 -4.44
C LEU B 197 29.99 -10.18 -3.09
N GLU B 198 29.80 -9.41 -2.03
CA GLU B 198 29.84 -9.93 -0.67
C GLU B 198 28.73 -10.94 -0.39
N ASN B 199 27.56 -10.74 -1.01
CA ASN B 199 26.36 -11.47 -0.61
C ASN B 199 25.76 -12.38 -1.68
N ASN B 200 26.46 -12.53 -2.80
CA ASN B 200 26.05 -13.46 -3.85
C ASN B 200 27.29 -14.15 -4.41
N GLU B 201 27.08 -15.33 -4.99
CA GLU B 201 28.14 -16.04 -5.67
C GLU B 201 28.19 -15.63 -7.13
N GLY B 202 29.37 -15.74 -7.73
CA GLY B 202 29.59 -15.42 -9.14
C GLY B 202 30.41 -14.16 -9.32
N THR B 203 30.70 -13.80 -10.57
CA THR B 203 31.41 -12.57 -10.88
C THR B 203 30.44 -11.40 -10.70
N LEU B 204 31.00 -10.20 -10.65
CA LEU B 204 30.21 -8.99 -10.59
C LEU B 204 29.18 -8.94 -11.74
N GLU B 205 29.64 -9.21 -12.95
CA GLU B 205 28.75 -9.10 -14.11
C GLU B 205 27.63 -10.15 -14.06
N GLU B 206 27.94 -11.35 -13.58
CA GLU B 206 26.95 -12.41 -13.43
C GLU B 206 25.89 -12.04 -12.40
N ILE B 207 26.32 -11.46 -11.29
CA ILE B 207 25.41 -11.06 -10.24
C ILE B 207 24.52 -9.91 -10.72
N LYS B 208 25.11 -8.95 -11.43
CA LYS B 208 24.35 -7.86 -12.03
C LYS B 208 23.26 -8.34 -12.97
N LYS B 209 23.59 -9.34 -13.78
CA LYS B 209 22.61 -9.95 -14.68
C LYS B 209 21.45 -10.57 -13.91
N GLU B 210 21.74 -11.27 -12.80
CA GLU B 210 20.68 -11.87 -11.97
C GLU B 210 19.76 -10.81 -11.37
N LYS B 211 20.38 -9.75 -10.84
CA LYS B 211 19.65 -8.66 -10.21
C LYS B 211 18.80 -7.90 -11.22
N ALA B 212 19.32 -7.73 -12.43
CA ALA B 212 18.60 -7.03 -13.49
C ALA B 212 17.51 -7.89 -14.09
N LYS B 213 17.27 -9.05 -13.48
CA LYS B 213 16.25 -9.98 -13.95
C LYS B 213 15.06 -10.03 -12.99
N VAL B 214 15.21 -9.37 -11.84
CA VAL B 214 14.16 -9.35 -10.83
C VAL B 214 13.20 -8.19 -11.06
N ASN B 215 13.56 -7.29 -11.97
CA ASN B 215 12.73 -6.13 -12.29
C ASN B 215 12.03 -6.36 -13.61
N PRO B 216 10.73 -6.04 -13.69
CA PRO B 216 10.02 -6.13 -14.97
C PRO B 216 10.73 -5.41 -16.12
N LEU B 217 11.37 -4.26 -15.85
CA LEU B 217 12.12 -3.55 -16.91
C LEU B 217 13.43 -4.25 -17.31
N LEU B 218 13.81 -5.31 -16.59
CA LEU B 218 14.95 -6.16 -16.92
C LEU B 218 16.30 -5.44 -16.87
N ARG B 219 16.40 -4.41 -16.05
CA ARG B 219 17.67 -3.72 -15.85
C ARG B 219 17.70 -3.06 -14.49
N LEU B 220 18.93 -2.80 -14.02
CA LEU B 220 19.14 -2.05 -12.80
C LEU B 220 18.91 -0.58 -13.08
N GLY B 221 18.53 0.17 -12.06
CA GLY B 221 18.36 1.60 -12.19
C GLY B 221 19.69 2.33 -12.20
N LYS B 222 19.73 3.48 -12.86
CA LYS B 222 20.91 4.33 -12.85
C LYS B 222 20.73 5.41 -11.78
N PRO B 223 21.82 5.83 -11.13
CA PRO B 223 21.75 6.86 -10.10
C PRO B 223 21.01 8.11 -10.56
N GLU B 224 21.25 8.52 -11.79
CA GLU B 224 20.63 9.72 -12.34
C GLU B 224 19.10 9.59 -12.46
N GLU B 225 18.62 8.37 -12.63
CA GLU B 225 17.18 8.14 -12.70
C GLU B 225 16.48 8.40 -11.37
N ILE B 226 17.19 8.22 -10.26
CA ILE B 226 16.71 8.62 -8.94
C ILE B 226 16.92 10.12 -8.71
N ALA B 227 18.08 10.64 -9.11
CA ALA B 227 18.32 12.08 -9.05
C ALA B 227 17.20 12.88 -9.75
N ASN B 228 16.74 12.37 -10.89
CA ASN B 228 15.66 13.04 -11.63
C ASN B 228 14.34 13.10 -10.87
N VAL B 229 14.06 12.08 -10.06
CA VAL B 229 12.87 12.10 -9.21
C VAL B 229 13.03 13.20 -8.15
N MET B 230 14.25 13.32 -7.62
CA MET B 230 14.54 14.37 -6.64
C MET B 230 14.35 15.76 -7.23
N LEU B 231 14.77 15.97 -8.48
CA LEU B 231 14.54 17.26 -9.14
C LEU B 231 13.06 17.59 -9.16
N PHE B 232 12.25 16.62 -9.55
CA PHE B 232 10.80 16.79 -9.60
C PHE B 232 10.24 17.18 -8.24
N LEU B 233 10.63 16.46 -7.20
CA LEU B 233 10.12 16.71 -5.85
C LEU B 233 10.54 18.06 -5.28
N ALA B 234 11.72 18.53 -5.65
CA ALA B 234 12.22 19.82 -5.21
C ALA B 234 11.55 20.98 -5.95
N SER B 235 11.17 20.74 -7.21
CA SER B 235 10.62 21.81 -8.05
C SER B 235 9.17 22.08 -7.76
N ASP B 236 8.71 23.24 -8.22
CA ASP B 236 7.31 23.67 -8.09
C ASP B 236 6.35 22.79 -8.86
N LEU B 237 6.87 21.98 -9.78
CA LEU B 237 6.05 21.02 -10.51
C LEU B 237 5.28 20.12 -9.56
N SER B 238 5.91 19.75 -8.43
CA SER B 238 5.28 18.91 -7.44
C SER B 238 4.61 19.69 -6.29
N SER B 239 4.12 20.90 -6.58
CA SER B 239 3.60 21.81 -5.56
C SER B 239 2.40 21.31 -4.78
N TYR B 240 1.62 20.38 -5.32
CA TYR B 240 0.49 19.82 -4.56
C TYR B 240 0.81 18.47 -3.96
N MET B 241 2.10 18.13 -3.90
CA MET B 241 2.51 16.85 -3.35
C MET B 241 3.19 17.07 -2.01
N THR B 242 2.66 16.44 -0.98
CA THR B 242 3.35 16.34 0.29
C THR B 242 2.89 15.07 1.02
N GLY B 243 3.79 14.49 1.79
CA GLY B 243 3.54 13.24 2.50
C GLY B 243 3.44 12.02 1.59
N SER B 244 3.98 12.11 0.38
CA SER B 244 3.85 11.04 -0.59
C SER B 244 5.21 10.37 -0.86
N ALA B 245 5.13 9.16 -1.40
CA ALA B 245 6.31 8.40 -1.77
C ALA B 245 6.28 8.16 -3.28
N ILE B 246 7.39 8.47 -3.95
CA ILE B 246 7.52 8.16 -5.37
C ILE B 246 8.40 6.94 -5.53
N THR B 247 7.83 5.88 -6.09
CA THR B 247 8.56 4.64 -6.29
C THR B 247 9.24 4.66 -7.66
N ALA B 248 10.54 4.37 -7.67
CA ALA B 248 11.32 4.26 -8.90
C ALA B 248 12.11 2.95 -8.84
N ASP B 249 11.47 1.87 -9.27
CA ASP B 249 12.02 0.54 -9.03
C ASP B 249 11.92 -0.43 -10.22
N GLY B 250 11.70 0.11 -11.41
CA GLY B 250 11.58 -0.74 -12.60
C GLY B 250 10.43 -1.74 -12.57
N GLY B 251 9.40 -1.48 -11.77
CA GLY B 251 8.23 -2.35 -11.67
C GLY B 251 8.26 -3.38 -10.55
N TYR B 252 9.31 -3.34 -9.75
CA TYR B 252 9.54 -4.37 -8.73
C TYR B 252 8.38 -4.60 -7.76
N THR B 253 7.84 -3.52 -7.19
CA THR B 253 6.74 -3.59 -6.22
C THR B 253 5.35 -3.72 -6.86
N ALA B 254 5.26 -3.61 -8.18
CA ALA B 254 4.00 -3.76 -8.90
C ALA B 254 3.53 -5.22 -9.01
N GLN B 255 4.43 -6.17 -8.73
CA GLN B 255 4.13 -7.61 -8.80
C GLN B 255 4.41 -8.33 -7.47
N MET C 1 -16.82 -21.15 21.54
CA MET C 1 -17.31 -20.29 22.66
C MET C 1 -17.28 -18.81 22.31
N ILE C 2 -16.22 -18.40 21.59
CA ILE C 2 -15.99 -16.98 21.29
C ILE C 2 -16.29 -16.59 19.84
N MET C 3 -16.25 -17.55 18.92
CA MET C 3 -16.68 -17.29 17.54
C MET C 3 -18.11 -16.73 17.53
N ASN C 4 -19.02 -17.42 18.20
CA ASN C 4 -20.39 -16.96 18.37
C ASN C 4 -21.12 -16.81 17.03
N LEU C 5 -21.06 -17.86 16.21
CA LEU C 5 -21.73 -17.87 14.91
C LEU C 5 -23.00 -18.71 14.89
N THR C 6 -23.34 -19.31 16.04
CA THR C 6 -24.56 -20.12 16.17
C THR C 6 -25.80 -19.29 15.82
N ASP C 7 -26.61 -19.81 14.90
CA ASP C 7 -27.85 -19.17 14.42
C ASP C 7 -27.67 -17.91 13.58
N LYS C 8 -26.43 -17.60 13.19
CA LYS C 8 -26.19 -16.50 12.27
C LYS C 8 -26.43 -17.04 10.87
N THR C 9 -27.06 -16.25 10.02
CA THR C 9 -27.32 -16.68 8.66
C THR C 9 -26.30 -16.03 7.71
N VAL C 10 -25.63 -16.90 6.96
CA VAL C 10 -24.48 -16.53 6.14
C VAL C 10 -24.76 -16.92 4.70
N LEU C 11 -24.82 -15.93 3.82
CA LEU C 11 -25.06 -16.15 2.39
C LEU C 11 -23.71 -16.07 1.67
N ILE C 12 -23.33 -17.18 1.03
CA ILE C 12 -22.02 -17.32 0.39
C ILE C 12 -22.17 -17.49 -1.12
N THR C 13 -21.70 -16.53 -1.91
CA THR C 13 -21.74 -16.67 -3.36
C THR C 13 -20.56 -17.51 -3.82
N GLY C 14 -20.76 -18.28 -4.88
CA GLY C 14 -19.73 -19.21 -5.33
C GLY C 14 -19.41 -20.28 -4.30
N GLY C 15 -20.39 -20.57 -3.44
CA GLY C 15 -20.20 -21.50 -2.32
C GLY C 15 -20.20 -22.97 -2.70
N ALA C 16 -20.43 -23.30 -3.97
CA ALA C 16 -20.53 -24.69 -4.39
C ALA C 16 -19.18 -25.34 -4.66
N SER C 17 -18.09 -24.58 -4.64
CA SER C 17 -16.74 -25.17 -4.83
C SER C 17 -15.60 -24.36 -4.25
N GLY C 18 -14.40 -24.93 -4.28
CA GLY C 18 -13.18 -24.26 -3.85
C GLY C 18 -13.29 -23.58 -2.48
N ILE C 19 -12.83 -22.34 -2.41
CA ILE C 19 -12.83 -21.57 -1.18
C ILE C 19 -14.25 -21.42 -0.64
N GLY C 20 -15.20 -21.18 -1.54
CA GLY C 20 -16.59 -21.01 -1.16
C GLY C 20 -17.13 -22.22 -0.42
N TYR C 21 -16.83 -23.41 -0.94
CA TYR C 21 -17.28 -24.65 -0.34
C TYR C 21 -16.61 -24.89 1.00
N ALA C 22 -15.29 -24.68 1.07
CA ALA C 22 -14.58 -24.76 2.35
C ALA C 22 -15.21 -23.81 3.37
N ALA C 23 -15.65 -22.64 2.90
CA ALA C 23 -16.33 -21.69 3.77
C ALA C 23 -17.68 -22.26 4.24
N VAL C 24 -18.42 -22.89 3.33
CA VAL C 24 -19.66 -23.56 3.71
C VAL C 24 -19.38 -24.53 4.86
N GLN C 25 -18.38 -25.38 4.69
CA GLN C 25 -18.04 -26.39 5.71
C GLN C 25 -17.66 -25.74 7.03
N ALA C 26 -16.82 -24.71 6.99
CA ALA C 26 -16.36 -24.05 8.20
C ALA C 26 -17.52 -23.42 8.96
N PHE C 27 -18.40 -22.72 8.24
CA PHE C 27 -19.54 -22.04 8.87
C PHE C 27 -20.59 -23.01 9.41
N LEU C 28 -20.90 -24.07 8.67
CA LEU C 28 -21.76 -25.15 9.19
C LEU C 28 -21.17 -25.74 10.47
N GLY C 29 -19.86 -25.99 10.45
CA GLY C 29 -19.12 -26.44 11.63
C GLY C 29 -19.21 -25.52 12.83
N GLN C 30 -19.44 -24.23 12.62
CA GLN C 30 -19.68 -23.27 13.72
C GLN C 30 -21.16 -23.04 14.03
N GLN C 31 -22.03 -23.89 13.49
CA GLN C 31 -23.48 -23.83 13.74
C GLN C 31 -24.19 -22.63 13.10
N ALA C 32 -23.59 -22.08 12.06
CA ALA C 32 -24.25 -21.03 11.30
C ALA C 32 -25.20 -21.67 10.31
N ASN C 33 -26.27 -20.95 9.97
CA ASN C 33 -27.10 -21.31 8.82
C ASN C 33 -26.43 -20.76 7.59
N VAL C 34 -26.29 -21.60 6.56
CA VAL C 34 -25.57 -21.20 5.36
C VAL C 34 -26.48 -21.29 4.15
N VAL C 35 -26.47 -20.25 3.34
CA VAL C 35 -27.19 -20.23 2.07
C VAL C 35 -26.14 -20.04 0.98
N VAL C 36 -26.13 -20.96 0.01
CA VAL C 36 -25.17 -20.90 -1.09
C VAL C 36 -25.89 -20.37 -2.33
N ALA C 37 -25.35 -19.29 -2.90
CA ALA C 37 -25.83 -18.75 -4.15
C ALA C 37 -24.77 -19.01 -5.21
N ASP C 38 -25.05 -19.92 -6.14
CA ASP C 38 -24.08 -20.34 -7.14
C ASP C 38 -24.80 -20.64 -8.45
N ILE C 39 -24.12 -20.41 -9.56
CA ILE C 39 -24.73 -20.55 -10.89
C ILE C 39 -24.86 -22.01 -11.31
N ASP C 40 -24.05 -22.88 -10.73
CA ASP C 40 -23.98 -24.29 -11.11
C ASP C 40 -24.99 -25.15 -10.33
N GLU C 41 -26.17 -25.34 -10.90
CA GLU C 41 -27.27 -26.05 -10.24
C GLU C 41 -26.88 -27.47 -9.85
N ALA C 42 -26.25 -28.20 -10.77
CA ALA C 42 -25.84 -29.57 -10.55
C ALA C 42 -24.87 -29.68 -9.38
N GLN C 43 -23.83 -28.85 -9.41
CA GLN C 43 -22.82 -28.85 -8.37
C GLN C 43 -23.42 -28.40 -7.02
N GLY C 44 -24.33 -27.44 -7.07
CA GLY C 44 -25.04 -26.99 -5.88
C GLY C 44 -25.86 -28.07 -5.21
N GLU C 45 -26.63 -28.82 -5.99
CA GLU C 45 -27.44 -29.92 -5.46
C GLU C 45 -26.55 -31.06 -4.96
N ALA C 46 -25.49 -31.35 -5.69
CA ALA C 46 -24.50 -32.34 -5.24
C ALA C 46 -23.97 -31.98 -3.87
N MET C 47 -23.59 -30.71 -3.70
CA MET C 47 -23.15 -30.20 -2.40
C MET C 47 -24.18 -30.45 -1.30
N VAL C 48 -25.44 -30.12 -1.59
CA VAL C 48 -26.51 -30.32 -0.60
C VAL C 48 -26.59 -31.79 -0.16
N ARG C 49 -26.52 -32.71 -1.11
CA ARG C 49 -26.56 -34.15 -0.82
C ARG C 49 -25.35 -34.63 0.01
N LYS C 50 -24.15 -34.20 -0.38
CA LYS C 50 -22.92 -34.58 0.33
C LYS C 50 -22.91 -34.07 1.76
N GLU C 51 -23.26 -32.79 1.96
CA GLU C 51 -23.26 -32.20 3.30
C GLU C 51 -24.40 -32.69 4.18
N ASN C 52 -25.57 -32.91 3.56
CA ASN C 52 -26.71 -33.51 4.26
C ASN C 52 -26.93 -32.83 5.61
N ASN C 53 -27.26 -31.55 5.58
CA ASN C 53 -27.33 -30.70 6.77
C ASN C 53 -28.55 -29.81 6.70
N ASP C 54 -29.36 -29.82 7.77
CA ASP C 54 -30.52 -28.93 7.90
C ASP C 54 -30.18 -27.43 7.80
N ARG C 55 -28.96 -27.06 8.21
CA ARG C 55 -28.53 -25.67 8.22
C ARG C 55 -28.04 -25.16 6.85
N LEU C 56 -28.00 -26.05 5.85
CA LEU C 56 -27.56 -25.68 4.51
C LEU C 56 -28.74 -25.55 3.57
N HIS C 57 -28.75 -24.49 2.77
CA HIS C 57 -29.73 -24.30 1.72
C HIS C 57 -29.02 -23.85 0.45
N PHE C 58 -29.43 -24.38 -0.69
CA PHE C 58 -28.89 -23.96 -1.98
C PHE C 58 -29.95 -23.23 -2.78
N VAL C 59 -29.55 -22.11 -3.39
CA VAL C 59 -30.41 -21.38 -4.31
C VAL C 59 -29.60 -21.01 -5.55
N GLN C 60 -29.99 -21.58 -6.69
CA GLN C 60 -29.34 -21.27 -7.96
C GLN C 60 -29.39 -19.77 -8.19
N THR C 61 -28.25 -19.18 -8.55
CA THR C 61 -28.12 -17.73 -8.67
C THR C 61 -27.02 -17.35 -9.66
N ASP C 62 -27.38 -16.55 -10.67
CA ASP C 62 -26.42 -15.90 -11.53
C ASP C 62 -26.28 -14.47 -11.01
N ILE C 63 -25.17 -14.19 -10.31
CA ILE C 63 -24.98 -12.88 -9.68
C ILE C 63 -24.84 -11.70 -10.66
N THR C 64 -24.63 -11.98 -11.94
CA THR C 64 -24.62 -10.90 -12.95
C THR C 64 -26.03 -10.36 -13.25
N ASP C 65 -27.06 -11.05 -12.75
CA ASP C 65 -28.45 -10.63 -12.96
C ASP C 65 -29.03 -10.12 -11.62
N GLU C 66 -29.53 -8.89 -11.63
CA GLU C 66 -29.98 -8.25 -10.39
C GLU C 66 -31.15 -8.97 -9.73
N ALA C 67 -32.15 -9.36 -10.52
CA ALA C 67 -33.30 -10.11 -10.00
C ALA C 67 -32.85 -11.38 -9.26
N ALA C 68 -31.89 -12.10 -9.83
CA ALA C 68 -31.37 -13.32 -9.19
C ALA C 68 -30.66 -13.00 -7.86
N CYS C 69 -29.98 -11.86 -7.79
CA CYS C 69 -29.30 -11.43 -6.56
C CYS C 69 -30.31 -11.13 -5.46
N GLN C 70 -31.32 -10.35 -5.80
CA GLN C 70 -32.42 -10.07 -4.88
C GLN C 70 -33.06 -11.39 -4.41
N HIS C 71 -33.35 -12.27 -5.35
CA HIS C 71 -33.94 -13.57 -5.04
C HIS C 71 -33.08 -14.39 -4.07
N ALA C 72 -31.76 -14.34 -4.24
CA ALA C 72 -30.85 -15.04 -3.34
C ALA C 72 -30.94 -14.47 -1.92
N VAL C 73 -31.01 -13.15 -1.81
CA VAL C 73 -31.15 -12.50 -0.52
C VAL C 73 -32.50 -12.86 0.12
N GLU C 74 -33.56 -12.83 -0.67
CA GLU C 74 -34.89 -13.20 -0.18
C GLU C 74 -34.94 -14.67 0.27
N SER C 75 -34.25 -15.54 -0.46
CA SER C 75 -34.18 -16.96 -0.12
C SER C 75 -33.60 -17.18 1.27
N ALA C 76 -32.56 -16.41 1.60
CA ALA C 76 -31.94 -16.48 2.93
C ALA C 76 -32.92 -16.03 4.01
N VAL C 77 -33.63 -14.94 3.75
CA VAL C 77 -34.59 -14.39 4.72
C VAL C 77 -35.77 -15.35 4.93
N HIS C 78 -36.32 -15.89 3.84
CA HIS C 78 -37.43 -16.86 3.93
C HIS C 78 -37.01 -18.14 4.66
N THR C 79 -35.86 -18.69 4.28
CA THR C 79 -35.44 -19.99 4.77
C THR C 79 -35.05 -19.96 6.25
N PHE C 80 -34.24 -18.99 6.65
CA PHE C 80 -33.69 -18.95 8.01
C PHE C 80 -34.11 -17.74 8.83
N GLY C 81 -34.94 -16.87 8.27
CA GLY C 81 -35.51 -15.76 9.02
C GLY C 81 -34.72 -14.46 9.05
N GLY C 82 -33.55 -14.43 8.42
CA GLY C 82 -32.74 -13.22 8.40
C GLY C 82 -31.48 -13.37 7.54
N LEU C 83 -30.58 -12.40 7.66
CA LEU C 83 -29.30 -12.42 6.95
C LEU C 83 -28.31 -11.57 7.71
N ASP C 84 -27.33 -12.22 8.34
CA ASP C 84 -26.35 -11.55 9.19
C ASP C 84 -25.05 -11.26 8.45
N VAL C 85 -24.65 -12.18 7.58
CA VAL C 85 -23.38 -12.08 6.88
C VAL C 85 -23.56 -12.40 5.39
N LEU C 86 -23.07 -11.51 4.54
CA LEU C 86 -22.92 -11.79 3.12
C LEU C 86 -21.45 -11.98 2.81
N ILE C 87 -21.10 -13.10 2.19
CA ILE C 87 -19.75 -13.34 1.69
C ILE C 87 -19.79 -13.33 0.16
N ASN C 88 -19.29 -12.25 -0.45
CA ASN C 88 -19.17 -12.15 -1.90
C ASN C 88 -17.89 -12.84 -2.36
N ASN C 89 -17.99 -14.13 -2.65
CA ASN C 89 -16.83 -14.93 -3.00
C ASN C 89 -16.71 -15.26 -4.48
N ALA C 90 -17.84 -15.45 -5.15
CA ALA C 90 -17.81 -15.83 -6.56
C ALA C 90 -16.85 -14.95 -7.34
N GLY C 91 -16.12 -15.56 -8.25
CA GLY C 91 -15.22 -14.83 -9.14
C GLY C 91 -14.74 -15.75 -10.25
N ILE C 92 -14.38 -15.17 -11.38
CA ILE C 92 -13.78 -15.93 -12.47
C ILE C 92 -12.50 -15.29 -12.93
N GLU C 93 -11.73 -16.07 -13.68
CA GLU C 93 -10.44 -15.65 -14.23
C GLU C 93 -10.45 -16.00 -15.72
N ILE C 94 -10.09 -15.02 -16.54
CA ILE C 94 -9.80 -15.26 -17.95
C ILE C 94 -8.39 -14.72 -18.24
N VAL C 95 -7.55 -15.57 -18.83
CA VAL C 95 -6.18 -15.22 -19.14
C VAL C 95 -6.13 -14.61 -20.55
N ALA C 96 -5.74 -13.35 -20.62
CA ALA C 96 -5.61 -12.65 -21.88
C ALA C 96 -4.90 -11.33 -21.65
N PRO C 97 -3.97 -10.96 -22.55
CA PRO C 97 -3.31 -9.68 -22.43
C PRO C 97 -4.24 -8.57 -22.91
N ILE C 98 -4.04 -7.36 -22.36
CA ILE C 98 -4.91 -6.22 -22.68
C ILE C 98 -5.00 -5.98 -24.19
N HIS C 99 -3.87 -6.04 -24.88
CA HIS C 99 -3.84 -5.73 -26.31
C HIS C 99 -4.59 -6.73 -27.20
N GLU C 100 -4.89 -7.92 -26.67
CA GLU C 100 -5.64 -8.93 -27.42
C GLU C 100 -7.02 -9.21 -26.87
N MET C 101 -7.36 -8.70 -25.68
CA MET C 101 -8.57 -9.14 -25.00
C MET C 101 -9.84 -8.63 -25.65
N GLU C 102 -10.81 -9.53 -25.81
CA GLU C 102 -12.12 -9.18 -26.33
C GLU C 102 -12.92 -8.44 -25.27
N LEU C 103 -13.64 -7.41 -25.70
CA LEU C 103 -14.49 -6.65 -24.78
C LEU C 103 -15.46 -7.56 -24.04
N SER C 104 -16.04 -8.53 -24.75
CA SER C 104 -17.00 -9.44 -24.13
C SER C 104 -16.35 -10.23 -22.99
N ASP C 105 -15.08 -10.59 -23.16
CA ASP C 105 -14.32 -11.29 -22.11
C ASP C 105 -13.96 -10.39 -20.94
N TRP C 106 -13.54 -9.16 -21.23
CA TRP C 106 -13.34 -8.17 -20.17
C TRP C 106 -14.61 -8.04 -19.32
N ASN C 107 -15.76 -7.85 -19.98
CA ASN C 107 -17.03 -7.68 -19.27
C ASN C 107 -17.46 -8.91 -18.48
N LYS C 108 -17.21 -10.09 -18.98
CA LYS C 108 -17.54 -11.31 -18.24
C LYS C 108 -16.79 -11.36 -16.90
N VAL C 109 -15.53 -10.95 -16.90
CA VAL C 109 -14.71 -10.98 -15.68
C VAL C 109 -15.22 -9.93 -14.69
N LEU C 110 -15.40 -8.70 -15.18
CA LEU C 110 -15.87 -7.60 -14.35
C LEU C 110 -17.29 -7.83 -13.83
N GLN C 111 -18.17 -8.40 -14.65
CA GLN C 111 -19.56 -8.60 -14.24
C GLN C 111 -19.70 -9.58 -13.07
N VAL C 112 -18.93 -10.65 -13.06
CA VAL C 112 -18.96 -11.59 -11.94
C VAL C 112 -18.18 -11.03 -10.75
N ASN C 113 -16.95 -10.59 -11.00
CA ASN C 113 -16.04 -10.24 -9.92
C ASN C 113 -16.42 -8.96 -9.21
N LEU C 114 -16.97 -8.00 -9.94
CA LEU C 114 -17.24 -6.68 -9.37
C LEU C 114 -18.72 -6.30 -9.41
N THR C 115 -19.34 -6.31 -10.60
CA THR C 115 -20.76 -5.95 -10.72
C THR C 115 -21.63 -6.85 -9.84
N GLY C 116 -21.41 -8.15 -9.89
CA GLY C 116 -22.17 -9.10 -9.06
C GLY C 116 -22.00 -8.84 -7.57
N MET C 117 -20.79 -8.42 -7.17
CA MET C 117 -20.53 -8.06 -5.79
C MET C 117 -21.36 -6.84 -5.40
N PHE C 118 -21.42 -5.87 -6.30
CA PHE C 118 -22.26 -4.68 -6.12
C PHE C 118 -23.73 -5.09 -5.97
N LEU C 119 -24.24 -5.91 -6.89
CA LEU C 119 -25.65 -6.28 -6.90
C LEU C 119 -26.04 -7.10 -5.67
N MET C 120 -25.23 -8.08 -5.32
CA MET C 120 -25.49 -8.82 -4.09
C MET C 120 -25.47 -7.90 -2.87
N SER C 121 -24.48 -7.00 -2.81
CA SER C 121 -24.33 -6.11 -1.66
C SER C 121 -25.51 -5.14 -1.59
N LYS C 122 -25.92 -4.61 -2.73
CA LYS C 122 -27.07 -3.70 -2.80
C LYS C 122 -28.27 -4.28 -2.05
N HIS C 123 -28.66 -5.49 -2.41
CA HIS C 123 -29.85 -6.12 -1.84
C HIS C 123 -29.67 -6.66 -0.43
N ALA C 124 -28.47 -7.16 -0.12
CA ALA C 124 -28.16 -7.52 1.26
C ALA C 124 -28.25 -6.30 2.17
N LEU C 125 -27.72 -5.18 1.70
CA LEU C 125 -27.70 -3.95 2.50
C LEU C 125 -29.09 -3.41 2.79
N LYS C 126 -29.99 -3.48 1.80
CA LYS C 126 -31.38 -3.08 2.01
C LYS C 126 -31.96 -3.78 3.24
N HIS C 127 -31.69 -5.09 3.35
CA HIS C 127 -32.16 -5.87 4.48
C HIS C 127 -31.40 -5.54 5.75
N MET C 128 -30.07 -5.44 5.65
CA MET C 128 -29.24 -5.19 6.83
C MET C 128 -29.52 -3.81 7.44
N LEU C 129 -29.79 -2.83 6.59
CA LEU C 129 -30.17 -1.49 7.06
C LEU C 129 -31.45 -1.57 7.88
N ALA C 130 -32.45 -2.25 7.34
CA ALA C 130 -33.71 -2.47 8.05
C ALA C 130 -33.51 -3.25 9.35
N ALA C 131 -32.65 -4.27 9.33
CA ALA C 131 -32.40 -5.09 10.52
C ALA C 131 -31.55 -4.39 11.59
N GLY C 132 -30.83 -3.34 11.22
CA GLY C 132 -30.02 -2.56 12.16
C GLY C 132 -28.60 -3.07 12.37
N LYS C 133 -28.20 -4.08 11.59
CA LYS C 133 -26.84 -4.62 11.69
C LYS C 133 -26.56 -5.52 10.51
N GLY C 134 -25.28 -5.84 10.33
CA GLY C 134 -24.86 -6.70 9.24
C GLY C 134 -23.36 -6.80 9.11
N ASN C 135 -22.93 -7.69 8.22
CA ASN C 135 -21.53 -7.94 7.99
C ASN C 135 -21.38 -8.38 6.54
N ILE C 136 -20.48 -7.73 5.81
CA ILE C 136 -20.16 -8.14 4.45
C ILE C 136 -18.69 -8.50 4.36
N ILE C 137 -18.40 -9.64 3.76
CA ILE C 137 -17.03 -10.10 3.56
C ILE C 137 -16.82 -10.34 2.08
N ASN C 138 -15.81 -9.69 1.52
CA ASN C 138 -15.52 -9.82 0.09
C ASN C 138 -14.25 -10.62 -0.15
N THR C 139 -14.29 -11.50 -1.13
CA THR C 139 -13.11 -12.23 -1.51
C THR C 139 -12.39 -11.39 -2.55
N CYS C 140 -11.32 -10.76 -2.09
CA CYS C 140 -10.45 -9.95 -2.93
C CYS C 140 -9.36 -10.90 -3.46
N SER C 141 -8.09 -10.47 -3.42
CA SER C 141 -6.99 -11.27 -3.95
C SER C 141 -5.69 -10.52 -3.75
N VAL C 142 -4.59 -11.25 -3.71
CA VAL C 142 -3.28 -10.65 -3.87
C VAL C 142 -3.29 -9.74 -5.11
N GLY C 143 -4.00 -10.17 -6.15
CA GLY C 143 -4.20 -9.40 -7.37
C GLY C 143 -4.86 -8.03 -7.22
N GLY C 144 -5.55 -7.82 -6.10
CA GLY C 144 -6.05 -6.51 -5.74
C GLY C 144 -5.01 -5.57 -5.12
N LEU C 145 -3.86 -6.13 -4.71
CA LEU C 145 -2.80 -5.37 -4.05
C LEU C 145 -1.59 -5.15 -4.97
N VAL C 146 -1.22 -6.20 -5.70
CA VAL C 146 -0.19 -6.16 -6.73
C VAL C 146 -0.74 -6.88 -7.97
N ALA C 147 0.01 -6.84 -9.07
CA ALA C 147 -0.40 -7.49 -10.30
C ALA C 147 0.12 -8.92 -10.41
N TRP C 148 -0.80 -9.88 -10.58
CA TRP C 148 -0.45 -11.20 -11.09
C TRP C 148 -0.17 -11.01 -12.57
N PRO C 149 0.86 -11.69 -13.11
CA PRO C 149 1.10 -11.61 -14.56
C PRO C 149 -0.02 -12.22 -15.40
N ASP C 150 -0.25 -11.61 -16.57
CA ASP C 150 -1.12 -12.15 -17.62
C ASP C 150 -2.63 -12.19 -17.33
N ILE C 151 -3.08 -11.63 -16.20
CA ILE C 151 -4.52 -11.57 -15.92
C ILE C 151 -4.98 -10.17 -15.52
N PRO C 152 -4.75 -9.19 -16.42
CA PRO C 152 -5.02 -7.79 -16.10
C PRO C 152 -6.46 -7.49 -15.72
N ALA C 153 -7.41 -8.07 -16.43
CA ALA C 153 -8.82 -7.84 -16.14
C ALA C 153 -9.20 -8.35 -14.75
N TYR C 154 -8.64 -9.49 -14.37
CA TYR C 154 -8.85 -10.04 -13.04
C TYR C 154 -8.28 -9.10 -11.99
N ASN C 155 -7.02 -8.70 -12.16
CA ASN C 155 -6.39 -7.77 -11.23
C ASN C 155 -7.22 -6.50 -11.08
N ALA C 156 -7.59 -5.91 -12.20
CA ALA C 156 -8.43 -4.72 -12.19
C ALA C 156 -9.70 -4.94 -11.40
N SER C 157 -10.37 -6.07 -11.62
CA SER C 157 -11.62 -6.35 -10.93
C SER C 157 -11.39 -6.40 -9.43
N LYS C 158 -10.27 -6.99 -9.01
CA LYS C 158 -9.98 -7.15 -7.59
C LYS C 158 -9.53 -5.84 -6.95
N GLY C 159 -8.94 -4.94 -7.74
CA GLY C 159 -8.69 -3.57 -7.29
C GLY C 159 -10.01 -2.89 -7.00
N GLY C 160 -11.00 -3.17 -7.84
CA GLY C 160 -12.37 -2.70 -7.64
C GLY C 160 -12.98 -3.25 -6.38
N VAL C 161 -12.76 -4.53 -6.12
CA VAL C 161 -13.25 -5.18 -4.92
C VAL C 161 -12.68 -4.53 -3.66
N LEU C 162 -11.38 -4.24 -3.68
CA LEU C 162 -10.72 -3.64 -2.51
C LEU C 162 -11.34 -2.31 -2.16
N GLN C 163 -11.51 -1.44 -3.17
CA GLN C 163 -12.05 -0.10 -2.93
C GLN C 163 -13.55 -0.12 -2.66
N LEU C 164 -14.28 -1.04 -3.26
CA LEU C 164 -15.70 -1.22 -2.95
C LEU C 164 -15.86 -1.63 -1.49
N THR C 165 -15.00 -2.54 -1.05
CA THR C 165 -14.96 -2.97 0.36
C THR C 165 -14.78 -1.77 1.29
N LYS C 166 -13.78 -0.94 1.00
CA LYS C 166 -13.53 0.24 1.82
C LYS C 166 -14.68 1.23 1.75
N SER C 167 -15.23 1.43 0.56
CA SER C 167 -16.32 2.37 0.36
C SER C 167 -17.53 2.00 1.18
N MET C 168 -17.94 0.74 1.10
CA MET C 168 -19.11 0.28 1.84
C MET C 168 -18.83 0.35 3.35
N ALA C 169 -17.60 0.06 3.75
CA ALA C 169 -17.21 0.16 5.16
C ALA C 169 -17.44 1.56 5.70
N VAL C 170 -16.98 2.55 4.95
CA VAL C 170 -17.07 3.94 5.35
C VAL C 170 -18.51 4.44 5.32
N ASP C 171 -19.26 4.11 4.27
CA ASP C 171 -20.63 4.58 4.12
C ASP C 171 -21.62 3.92 5.08
N TYR C 172 -21.35 2.71 5.53
CA TYR C 172 -22.32 1.97 6.36
C TYR C 172 -21.89 1.69 7.81
N ALA C 173 -20.73 2.21 8.21
CA ALA C 173 -20.28 2.07 9.60
C ALA C 173 -21.29 2.67 10.59
N LYS C 174 -21.88 3.81 10.25
CA LYS C 174 -22.87 4.44 11.12
C LYS C 174 -24.10 3.55 11.38
N HIS C 175 -24.36 2.60 10.47
CA HIS C 175 -25.44 1.61 10.65
C HIS C 175 -24.96 0.27 11.17
N GLN C 176 -23.77 0.25 11.76
CA GLN C 176 -23.19 -0.97 12.36
C GLN C 176 -23.10 -2.15 11.38
N ILE C 177 -22.82 -1.85 10.12
CA ILE C 177 -22.57 -2.87 9.13
C ILE C 177 -21.08 -2.87 8.81
N ARG C 178 -20.37 -3.89 9.29
CA ARG C 178 -18.93 -4.00 9.06
C ARG C 178 -18.72 -4.61 7.69
N VAL C 179 -17.70 -4.11 6.99
CA VAL C 179 -17.33 -4.60 5.66
C VAL C 179 -15.82 -4.77 5.57
N ASN C 180 -15.38 -5.99 5.29
CA ASN C 180 -13.94 -6.28 5.14
C ASN C 180 -13.70 -7.22 3.99
N CYS C 181 -12.44 -7.42 3.63
CA CYS C 181 -12.12 -8.39 2.61
C CYS C 181 -10.94 -9.28 2.99
N VAL C 182 -10.87 -10.43 2.36
CA VAL C 182 -9.69 -11.29 2.47
C VAL C 182 -9.01 -11.28 1.12
N CYS C 183 -7.69 -11.25 1.13
CA CYS C 183 -6.87 -11.27 -0.07
C CYS C 183 -6.06 -12.55 -0.14
N PRO C 184 -6.61 -13.61 -0.75
CA PRO C 184 -5.86 -14.87 -0.83
C PRO C 184 -4.71 -14.81 -1.83
N GLY C 185 -3.64 -15.53 -1.51
CA GLY C 185 -2.59 -15.82 -2.47
C GLY C 185 -3.01 -16.95 -3.37
N ILE C 186 -2.06 -17.80 -3.74
CA ILE C 186 -2.35 -18.93 -4.63
C ILE C 186 -2.88 -20.09 -3.78
N ILE C 187 -4.13 -20.48 -4.04
CA ILE C 187 -4.81 -21.52 -3.31
C ILE C 187 -4.96 -22.76 -4.19
N ASP C 188 -4.71 -23.93 -3.60
CA ASP C 188 -4.80 -25.19 -4.31
C ASP C 188 -6.25 -25.67 -4.34
N THR C 189 -6.98 -25.30 -5.40
CA THR C 189 -8.36 -25.75 -5.64
C THR C 189 -8.39 -26.46 -6.99
N PRO C 190 -9.37 -27.38 -7.18
CA PRO C 190 -9.51 -28.07 -8.47
C PRO C 190 -9.56 -27.13 -9.68
N LEU C 191 -10.36 -26.07 -9.60
CA LEU C 191 -10.47 -25.12 -10.72
C LEU C 191 -9.16 -24.38 -10.99
N ASN C 192 -8.38 -24.14 -9.95
CA ASN C 192 -7.08 -23.49 -10.12
C ASN C 192 -6.03 -24.45 -10.72
N GLU C 193 -6.18 -25.75 -10.48
CA GLU C 193 -5.34 -26.77 -11.14
C GLU C 193 -5.55 -26.81 -12.67
N LYS C 194 -6.79 -26.62 -13.11
CA LYS C 194 -7.06 -26.48 -14.54
C LYS C 194 -6.33 -25.26 -15.11
N SER C 195 -6.37 -24.14 -14.38
CA SER C 195 -5.68 -22.92 -14.82
C SER C 195 -4.18 -23.14 -14.89
N PHE C 196 -3.63 -23.87 -13.92
CA PHE C 196 -2.21 -24.20 -13.91
C PHE C 196 -1.79 -24.92 -15.21
N LEU C 197 -2.55 -25.94 -15.62
CA LEU C 197 -2.22 -26.71 -16.83
C LEU C 197 -2.37 -25.93 -18.12
N GLU C 198 -3.42 -25.12 -18.19
CA GLU C 198 -3.71 -24.31 -19.38
C GLU C 198 -2.64 -23.25 -19.65
N ASN C 199 -2.05 -22.71 -18.59
CA ASN C 199 -1.22 -21.51 -18.71
C ASN C 199 0.24 -21.68 -18.31
N ASN C 200 0.64 -22.92 -18.07
CA ASN C 200 2.05 -23.23 -17.82
C ASN C 200 2.40 -24.55 -18.49
N GLU C 201 3.68 -24.73 -18.79
CA GLU C 201 4.16 -25.97 -19.35
C GLU C 201 4.57 -26.91 -18.22
N GLY C 202 4.50 -28.22 -18.49
CA GLY C 202 4.88 -29.25 -17.53
C GLY C 202 3.68 -30.03 -17.02
N THR C 203 3.93 -31.01 -16.16
CA THR C 203 2.84 -31.77 -15.53
C THR C 203 2.21 -30.92 -14.44
N LEU C 204 1.04 -31.34 -13.97
CA LEU C 204 0.37 -30.66 -12.87
C LEU C 204 1.28 -30.56 -11.65
N GLU C 205 1.90 -31.67 -11.28
CA GLU C 205 2.79 -31.70 -10.12
C GLU C 205 3.93 -30.71 -10.26
N GLU C 206 4.57 -30.72 -11.43
CA GLU C 206 5.69 -29.83 -11.72
C GLU C 206 5.30 -28.36 -11.62
N ILE C 207 4.12 -28.03 -12.14
CA ILE C 207 3.63 -26.66 -12.09
C ILE C 207 3.31 -26.27 -10.63
N LYS C 208 2.68 -27.17 -9.88
CA LYS C 208 2.41 -26.94 -8.47
C LYS C 208 3.67 -26.66 -7.66
N LYS C 209 4.74 -27.40 -7.97
CA LYS C 209 6.03 -27.21 -7.31
C LYS C 209 6.60 -25.83 -7.60
N GLU C 210 6.49 -25.37 -8.86
CA GLU C 210 6.96 -24.03 -9.23
C GLU C 210 6.17 -22.95 -8.48
N LYS C 211 4.84 -23.10 -8.45
CA LYS C 211 3.95 -22.14 -7.80
C LYS C 211 4.18 -22.10 -6.28
N ALA C 212 4.41 -23.26 -5.67
CA ALA C 212 4.70 -23.33 -4.24
C ALA C 212 5.96 -22.53 -3.87
N LYS C 213 6.96 -22.53 -4.75
CA LYS C 213 8.26 -21.89 -4.51
C LYS C 213 8.23 -20.36 -4.49
N VAL C 214 7.22 -19.74 -5.09
CA VAL C 214 7.15 -18.28 -5.13
C VAL C 214 6.60 -17.67 -3.84
N ASN C 215 6.13 -18.50 -2.91
CA ASN C 215 5.71 -18.05 -1.58
C ASN C 215 6.82 -18.33 -0.59
N PRO C 216 7.14 -17.35 0.28
CA PRO C 216 8.08 -17.62 1.36
C PRO C 216 7.78 -18.88 2.18
N LEU C 217 6.51 -19.20 2.43
CA LEU C 217 6.15 -20.44 3.15
C LEU C 217 6.38 -21.72 2.33
N LEU C 218 6.70 -21.57 1.05
CA LEU C 218 7.07 -22.66 0.15
C LEU C 218 5.95 -23.68 -0.07
N ARG C 219 4.72 -23.23 0.02
CA ARG C 219 3.58 -24.09 -0.29
C ARG C 219 2.40 -23.25 -0.75
N LEU C 220 1.50 -23.91 -1.46
CA LEU C 220 0.21 -23.32 -1.85
C LEU C 220 -0.71 -23.29 -0.64
N GLY C 221 -1.65 -22.35 -0.62
CA GLY C 221 -2.64 -22.28 0.44
C GLY C 221 -3.73 -23.33 0.26
N LYS C 222 -4.35 -23.74 1.36
CA LYS C 222 -5.50 -24.64 1.30
C LYS C 222 -6.78 -23.80 1.41
N PRO C 223 -7.85 -24.24 0.72
CA PRO C 223 -9.12 -23.51 0.76
C PRO C 223 -9.60 -23.20 2.18
N GLU C 224 -9.44 -24.17 3.09
CA GLU C 224 -9.88 -24.01 4.47
C GLU C 224 -9.12 -22.92 5.21
N GLU C 225 -7.89 -22.65 4.80
CA GLU C 225 -7.08 -21.58 5.40
C GLU C 225 -7.65 -20.21 5.08
N ILE C 226 -8.33 -20.07 3.94
CA ILE C 226 -9.07 -18.85 3.62
C ILE C 226 -10.43 -18.85 4.31
N ALA C 227 -11.12 -19.98 4.29
CA ALA C 227 -12.39 -20.11 5.02
C ALA C 227 -12.23 -19.67 6.49
N ASN C 228 -11.12 -20.03 7.11
CA ASN C 228 -10.86 -19.65 8.50
C ASN C 228 -10.72 -18.15 8.72
N VAL C 229 -10.18 -17.44 7.74
CA VAL C 229 -10.13 -15.97 7.80
C VAL C 229 -11.57 -15.43 7.75
N MET C 230 -12.41 -16.03 6.92
CA MET C 230 -13.81 -15.63 6.80
C MET C 230 -14.56 -15.82 8.11
N LEU C 231 -14.31 -16.92 8.81
CA LEU C 231 -14.91 -17.13 10.13
C LEU C 231 -14.57 -15.99 11.06
N PHE C 232 -13.29 -15.63 11.11
CA PHE C 232 -12.83 -14.53 11.95
C PHE C 232 -13.54 -13.22 11.61
N LEU C 233 -13.62 -12.89 10.33
CA LEU C 233 -14.24 -11.64 9.90
C LEU C 233 -15.74 -11.59 10.18
N ALA C 234 -16.41 -12.73 10.12
CA ALA C 234 -17.83 -12.82 10.40
C ALA C 234 -18.13 -12.73 11.90
N SER C 235 -17.20 -13.23 12.72
CA SER C 235 -17.43 -13.32 14.16
C SER C 235 -17.21 -11.99 14.86
N ASP C 236 -17.74 -11.90 16.08
CA ASP C 236 -17.58 -10.72 16.93
C ASP C 236 -16.14 -10.49 17.35
N LEU C 237 -15.29 -11.49 17.18
CA LEU C 237 -13.87 -11.33 17.45
C LEU C 237 -13.29 -10.14 16.68
N SER C 238 -13.77 -9.93 15.45
CA SER C 238 -13.29 -8.84 14.61
C SER C 238 -14.15 -7.58 14.70
N SER C 239 -14.78 -7.35 15.86
CA SER C 239 -15.76 -6.29 16.04
C SER C 239 -15.25 -4.86 15.83
N TYR C 240 -13.94 -4.61 15.98
CA TYR C 240 -13.41 -3.27 15.72
C TYR C 240 -12.73 -3.19 14.34
N MET C 241 -13.01 -4.16 13.49
CA MET C 241 -12.45 -4.17 12.14
C MET C 241 -13.53 -3.85 11.12
N THR C 242 -13.30 -2.80 10.35
CA THR C 242 -14.10 -2.53 9.17
C THR C 242 -13.26 -1.74 8.17
N GLY C 243 -13.53 -1.96 6.88
CA GLY C 243 -12.78 -1.35 5.81
C GLY C 243 -11.36 -1.87 5.67
N SER C 244 -11.09 -3.04 6.22
CA SER C 244 -9.73 -3.59 6.19
C SER C 244 -9.63 -4.82 5.29
N ALA C 245 -8.40 -5.14 4.91
CA ALA C 245 -8.09 -6.28 4.08
C ALA C 245 -7.20 -7.20 4.88
N ILE C 246 -7.56 -8.49 4.95
CA ILE C 246 -6.70 -9.49 5.57
C ILE C 246 -6.02 -10.28 4.47
N THR C 247 -4.70 -10.21 4.44
CA THR C 247 -3.92 -10.93 3.44
C THR C 247 -3.56 -12.31 3.97
N ALA C 248 -3.84 -13.33 3.16
CA ALA C 248 -3.49 -14.71 3.48
C ALA C 248 -2.81 -15.31 2.25
N ASP C 249 -1.49 -15.10 2.15
CA ASP C 249 -0.79 -15.40 0.91
C ASP C 249 0.58 -16.07 1.10
N GLY C 250 0.82 -16.65 2.26
CA GLY C 250 2.10 -17.29 2.53
C GLY C 250 3.33 -16.39 2.46
N GLY C 251 3.14 -15.09 2.64
CA GLY C 251 4.25 -14.12 2.58
C GLY C 251 4.50 -13.47 1.22
N TYR C 252 3.66 -13.77 0.23
CA TYR C 252 3.88 -13.34 -1.15
C TYR C 252 4.06 -11.82 -1.34
N THR C 253 3.17 -11.04 -0.76
CA THR C 253 3.21 -9.57 -0.85
C THR C 253 4.15 -8.89 0.15
N ALA C 254 4.72 -9.66 1.07
CA ALA C 254 5.68 -9.11 2.03
C ALA C 254 7.07 -8.83 1.42
N GLN C 255 7.31 -9.35 0.21
CA GLN C 255 8.60 -9.18 -0.51
C GLN C 255 8.43 -8.58 -1.90
N MET D 1 -12.25 -25.10 20.15
CA MET D 1 -11.97 -26.32 19.32
C MET D 1 -10.97 -26.03 18.21
N ILE D 2 -11.09 -24.85 17.59
CA ILE D 2 -10.30 -24.50 16.42
C ILE D 2 -9.17 -23.50 16.71
N MET D 3 -9.31 -22.69 17.77
CA MET D 3 -8.20 -21.82 18.20
C MET D 3 -6.95 -22.66 18.43
N ASN D 4 -7.07 -23.70 19.25
CA ASN D 4 -5.99 -24.65 19.52
C ASN D 4 -4.78 -23.97 20.14
N LEU D 5 -5.01 -23.21 21.20
CA LEU D 5 -3.94 -22.53 21.94
C LEU D 5 -3.59 -23.21 23.27
N THR D 6 -4.30 -24.30 23.59
CA THR D 6 -4.04 -25.06 24.81
C THR D 6 -2.59 -25.55 24.86
N ASP D 7 -1.90 -25.23 25.96
CA ASP D 7 -0.49 -25.62 26.19
C ASP D 7 0.55 -24.88 25.32
N LYS D 8 0.12 -23.87 24.57
CA LYS D 8 1.05 -23.05 23.82
C LYS D 8 1.60 -22.02 24.78
N THR D 9 2.90 -21.74 24.69
CA THR D 9 3.50 -20.75 25.56
C THR D 9 3.66 -19.44 24.81
N VAL D 10 3.12 -18.38 25.40
CA VAL D 10 3.01 -17.08 24.78
C VAL D 10 3.69 -16.04 25.66
N LEU D 11 4.73 -15.41 25.14
CA LEU D 11 5.48 -14.38 25.84
C LEU D 11 5.01 -13.02 25.34
N ILE D 12 4.46 -12.20 26.25
CA ILE D 12 3.86 -10.91 25.90
C ILE D 12 4.62 -9.77 26.57
N THR D 13 5.25 -8.91 25.77
CA THR D 13 5.92 -7.75 26.33
C THR D 13 4.91 -6.64 26.56
N GLY D 14 5.13 -5.84 27.61
CA GLY D 14 4.15 -4.83 28.01
C GLY D 14 2.82 -5.44 28.42
N GLY D 15 2.86 -6.69 28.88
CA GLY D 15 1.64 -7.42 29.24
C GLY D 15 0.98 -7.03 30.55
N ALA D 16 1.59 -6.11 31.30
CA ALA D 16 1.07 -5.75 32.62
C ALA D 16 -0.05 -4.72 32.57
N SER D 17 -0.33 -4.13 31.41
CA SER D 17 -1.43 -3.16 31.29
C SER D 17 -2.00 -3.03 29.86
N GLY D 18 -3.09 -2.28 29.76
CA GLY D 18 -3.73 -1.96 28.48
C GLY D 18 -3.95 -3.18 27.58
N ILE D 19 -3.58 -3.04 26.33
CA ILE D 19 -3.75 -4.09 25.33
C ILE D 19 -3.02 -5.35 25.73
N GLY D 20 -1.81 -5.19 26.26
CA GLY D 20 -1.00 -6.31 26.71
C GLY D 20 -1.72 -7.15 27.76
N TYR D 21 -2.33 -6.49 28.73
CA TYR D 21 -3.06 -7.18 29.80
C TYR D 21 -4.30 -7.87 29.27
N ALA D 22 -5.06 -7.17 28.43
CA ALA D 22 -6.21 -7.78 27.77
C ALA D 22 -5.78 -9.03 26.98
N ALA D 23 -4.61 -8.97 26.38
CA ALA D 23 -4.05 -10.13 25.69
C ALA D 23 -3.74 -11.26 26.68
N VAL D 24 -3.15 -10.92 27.82
CA VAL D 24 -2.93 -11.91 28.89
C VAL D 24 -4.23 -12.63 29.21
N GLN D 25 -5.29 -11.86 29.46
CA GLN D 25 -6.58 -12.44 29.80
C GLN D 25 -7.12 -13.33 28.70
N ALA D 26 -7.06 -12.86 27.47
CA ALA D 26 -7.60 -13.62 26.34
C ALA D 26 -6.87 -14.95 26.17
N PHE D 27 -5.54 -14.90 26.24
CA PHE D 27 -4.73 -16.11 26.06
C PHE D 27 -4.87 -17.12 27.21
N LEU D 28 -4.91 -16.63 28.45
CA LEU D 28 -5.22 -17.49 29.61
C LEU D 28 -6.58 -18.15 29.42
N GLY D 29 -7.57 -17.36 28.99
CA GLY D 29 -8.90 -17.87 28.65
C GLY D 29 -8.92 -18.96 27.60
N GLN D 30 -7.92 -18.99 26.72
CA GLN D 30 -7.77 -20.08 25.72
C GLN D 30 -6.83 -21.20 26.17
N GLN D 31 -6.48 -21.22 27.45
CA GLN D 31 -5.63 -22.26 28.05
C GLN D 31 -4.17 -22.23 27.61
N ALA D 32 -3.72 -21.07 27.15
CA ALA D 32 -2.31 -20.87 26.85
C ALA D 32 -1.55 -20.59 28.14
N ASN D 33 -0.27 -20.97 28.17
CA ASN D 33 0.63 -20.50 29.21
C ASN D 33 1.14 -19.14 28.78
N VAL D 34 1.09 -18.18 29.69
CA VAL D 34 1.45 -16.81 29.37
C VAL D 34 2.60 -16.35 30.24
N VAL D 35 3.59 -15.74 29.62
CA VAL D 35 4.69 -15.12 30.33
C VAL D 35 4.67 -13.64 30.00
N VAL D 36 4.61 -12.79 31.02
CA VAL D 36 4.59 -11.35 30.83
C VAL D 36 5.98 -10.79 31.11
N ALA D 37 6.52 -10.06 30.14
CA ALA D 37 7.79 -9.36 30.30
C ALA D 37 7.47 -7.86 30.30
N ASP D 38 7.62 -7.23 31.46
CA ASP D 38 7.24 -5.83 31.62
C ASP D 38 8.20 -5.17 32.60
N ILE D 39 8.44 -3.88 32.42
CA ILE D 39 9.42 -3.16 33.21
C ILE D 39 8.89 -2.80 34.60
N ASP D 40 7.56 -2.77 34.74
CA ASP D 40 6.90 -2.33 35.97
C ASP D 40 6.68 -3.51 36.93
N GLU D 41 7.63 -3.71 37.84
CA GLU D 41 7.59 -4.85 38.77
C GLU D 41 6.32 -4.86 39.63
N ALA D 42 5.96 -3.70 40.18
CA ALA D 42 4.79 -3.58 41.04
C ALA D 42 3.52 -3.96 40.30
N GLN D 43 3.34 -3.37 39.12
CA GLN D 43 2.16 -3.63 38.32
C GLN D 43 2.13 -5.09 37.84
N GLY D 44 3.30 -5.64 37.53
CA GLY D 44 3.41 -7.04 37.16
C GLY D 44 2.99 -8.00 38.26
N GLU D 45 3.47 -7.76 39.47
CA GLU D 45 3.10 -8.60 40.63
C GLU D 45 1.62 -8.45 40.98
N ALA D 46 1.12 -7.22 40.91
CA ALA D 46 -0.31 -6.96 41.10
C ALA D 46 -1.14 -7.79 40.13
N MET D 47 -0.76 -7.77 38.86
CA MET D 47 -1.39 -8.61 37.84
C MET D 47 -1.41 -10.08 38.23
N VAL D 48 -0.26 -10.61 38.66
CA VAL D 48 -0.16 -12.02 39.07
C VAL D 48 -1.17 -12.35 40.18
N ARG D 49 -1.27 -11.47 41.19
CA ARG D 49 -2.21 -11.66 42.30
C ARG D 49 -3.67 -11.63 41.86
N LYS D 50 -4.03 -10.65 41.03
CA LYS D 50 -5.40 -10.49 40.54
C LYS D 50 -5.83 -11.69 39.70
N GLU D 51 -4.98 -12.11 38.76
CA GLU D 51 -5.31 -13.23 37.87
C GLU D 51 -5.26 -14.57 38.57
N ASN D 52 -4.33 -14.74 39.50
CA ASN D 52 -4.26 -15.93 40.33
C ASN D 52 -4.42 -17.21 39.48
N ASN D 53 -3.45 -17.43 38.60
CA ASN D 53 -3.54 -18.48 37.59
C ASN D 53 -2.19 -19.19 37.47
N ASP D 54 -2.20 -20.51 37.55
CA ASP D 54 -1.00 -21.33 37.37
C ASP D 54 -0.33 -21.12 36.00
N ARG D 55 -1.12 -20.77 35.00
CA ARG D 55 -0.61 -20.60 33.63
C ARG D 55 0.04 -19.24 33.40
N LEU D 56 0.01 -18.36 34.39
CA LEU D 56 0.60 -17.03 34.27
C LEU D 56 1.92 -16.96 35.02
N HIS D 57 2.92 -16.36 34.39
CA HIS D 57 4.21 -16.09 35.03
C HIS D 57 4.64 -14.66 34.68
N PHE D 58 5.17 -13.94 35.67
CA PHE D 58 5.70 -12.61 35.43
C PHE D 58 7.21 -12.61 35.58
N VAL D 59 7.89 -11.95 34.66
CA VAL D 59 9.34 -11.74 34.76
C VAL D 59 9.64 -10.29 34.42
N GLN D 60 10.14 -9.55 35.40
CA GLN D 60 10.53 -8.16 35.21
C GLN D 60 11.54 -8.08 34.08
N THR D 61 11.31 -7.16 33.14
CA THR D 61 12.11 -7.06 31.92
C THR D 61 12.12 -5.64 31.35
N ASP D 62 13.30 -5.08 31.19
CA ASP D 62 13.51 -3.85 30.43
C ASP D 62 13.96 -4.26 29.02
N ILE D 63 13.07 -4.19 28.04
CA ILE D 63 13.37 -4.69 26.69
C ILE D 63 14.44 -3.89 25.95
N THR D 64 14.78 -2.70 26.44
CA THR D 64 15.91 -1.94 25.87
C THR D 64 17.28 -2.55 26.21
N ASP D 65 17.31 -3.52 27.12
CA ASP D 65 18.54 -4.19 27.52
C ASP D 65 18.55 -5.63 27.00
N GLU D 66 19.58 -5.99 26.25
CA GLU D 66 19.61 -7.29 25.58
C GLU D 66 19.63 -8.47 26.55
N ALA D 67 20.44 -8.38 27.60
CA ALA D 67 20.50 -9.42 28.62
C ALA D 67 19.11 -9.69 29.23
N ALA D 68 18.36 -8.63 29.51
CA ALA D 68 17.00 -8.78 30.05
C ALA D 68 16.05 -9.47 29.06
N CYS D 69 16.23 -9.20 27.76
CA CYS D 69 15.42 -9.83 26.71
C CYS D 69 15.69 -11.31 26.65
N GLN D 70 16.97 -11.67 26.61
CA GLN D 70 17.38 -13.07 26.65
C GLN D 70 16.82 -13.76 27.89
N HIS D 71 16.97 -13.11 29.04
CA HIS D 71 16.45 -13.63 30.30
C HIS D 71 14.93 -13.87 30.27
N ALA D 72 14.19 -12.96 29.63
CA ALA D 72 12.75 -13.13 29.48
C ALA D 72 12.42 -14.36 28.65
N VAL D 73 13.16 -14.57 27.56
CA VAL D 73 12.98 -15.75 26.72
C VAL D 73 13.31 -17.03 27.49
N GLU D 74 14.43 -16.99 28.24
CA GLU D 74 14.84 -18.14 29.05
C GLU D 74 13.82 -18.45 30.14
N SER D 75 13.23 -17.41 30.73
CA SER D 75 12.20 -17.58 31.75
C SER D 75 11.00 -18.35 31.22
N ALA D 76 10.60 -18.07 29.98
CA ALA D 76 9.49 -18.79 29.35
C ALA D 76 9.84 -20.26 29.14
N VAL D 77 11.06 -20.52 28.67
CA VAL D 77 11.50 -21.89 28.42
C VAL D 77 11.62 -22.69 29.72
N HIS D 78 12.21 -22.09 30.77
CA HIS D 78 12.33 -22.76 32.07
C HIS D 78 10.97 -23.03 32.70
N THR D 79 10.09 -22.03 32.70
CA THR D 79 8.83 -22.11 33.42
C THR D 79 7.84 -23.08 32.77
N PHE D 80 7.68 -22.99 31.45
CA PHE D 80 6.66 -23.78 30.74
C PHE D 80 7.22 -24.77 29.72
N GLY D 81 8.54 -24.84 29.57
CA GLY D 81 9.15 -25.86 28.72
C GLY D 81 9.38 -25.49 27.26
N GLY D 82 8.95 -24.30 26.85
CA GLY D 82 9.11 -23.87 25.46
C GLY D 82 8.66 -22.45 25.22
N LEU D 83 8.56 -22.07 23.95
CA LEU D 83 8.09 -20.76 23.55
C LEU D 83 7.53 -20.84 22.14
N ASP D 84 6.20 -20.77 22.02
CA ASP D 84 5.53 -20.93 20.72
C ASP D 84 5.22 -19.58 20.07
N VAL D 85 4.88 -18.58 20.88
CA VAL D 85 4.45 -17.28 20.39
C VAL D 85 5.12 -16.15 21.16
N LEU D 86 5.75 -15.23 20.43
CA LEU D 86 6.21 -13.98 21.02
C LEU D 86 5.30 -12.85 20.53
N ILE D 87 4.75 -12.10 21.48
CA ILE D 87 3.99 -10.89 21.15
C ILE D 87 4.79 -9.67 21.62
N ASN D 88 5.39 -8.95 20.67
CA ASN D 88 6.09 -7.70 20.95
C ASN D 88 5.10 -6.55 21.02
N ASN D 89 4.58 -6.29 22.20
CA ASN D 89 3.54 -5.34 22.40
C ASN D 89 3.96 -4.06 23.13
N ALA D 90 5.00 -4.09 23.92
CA ALA D 90 5.45 -2.90 24.65
C ALA D 90 5.73 -1.75 23.71
N GLY D 91 5.38 -0.54 24.14
CA GLY D 91 5.66 0.66 23.36
C GLY D 91 5.40 1.89 24.20
N ILE D 92 6.05 2.99 23.87
CA ILE D 92 5.79 4.27 24.52
C ILE D 92 5.57 5.37 23.50
N GLU D 93 5.03 6.49 24.00
CA GLU D 93 4.72 7.65 23.19
C GLU D 93 5.28 8.87 23.89
N ILE D 94 6.01 9.70 23.15
CA ILE D 94 6.39 11.03 23.62
C ILE D 94 5.94 12.05 22.57
N VAL D 95 5.22 13.08 23.03
CA VAL D 95 4.70 14.11 22.15
C VAL D 95 5.73 15.23 22.03
N ALA D 96 6.21 15.44 20.82
CA ALA D 96 7.17 16.49 20.54
C ALA D 96 7.35 16.63 19.04
N PRO D 97 7.41 17.87 18.54
CA PRO D 97 7.64 18.09 17.13
C PRO D 97 9.11 17.87 16.79
N ILE D 98 9.40 17.47 15.56
CA ILE D 98 10.77 17.14 15.14
C ILE D 98 11.73 18.30 15.41
N HIS D 99 11.32 19.52 15.10
CA HIS D 99 12.19 20.68 15.23
C HIS D 99 12.56 21.05 16.68
N GLU D 100 11.82 20.53 17.65
CA GLU D 100 12.13 20.75 19.07
C GLU D 100 12.59 19.50 19.83
N MET D 101 12.47 18.31 19.24
CA MET D 101 12.66 17.08 20.00
C MET D 101 14.12 16.82 20.40
N GLU D 102 14.31 16.45 21.65
CA GLU D 102 15.62 16.06 22.17
C GLU D 102 16.02 14.69 21.66
N LEU D 103 17.28 14.55 21.30
CA LEU D 103 17.80 13.27 20.84
C LEU D 103 17.53 12.17 21.86
N SER D 104 17.72 12.47 23.13
CA SER D 104 17.50 11.48 24.18
C SER D 104 16.04 10.99 24.17
N ASP D 105 15.12 11.89 23.89
CA ASP D 105 13.70 11.52 23.79
C ASP D 105 13.38 10.71 22.54
N TRP D 106 13.96 11.12 21.41
CA TRP D 106 13.85 10.31 20.18
C TRP D 106 14.30 8.87 20.46
N ASN D 107 15.48 8.72 21.06
CA ASN D 107 16.05 7.40 21.35
C ASN D 107 15.23 6.58 22.33
N LYS D 108 14.64 7.22 23.34
CA LYS D 108 13.78 6.50 24.27
C LYS D 108 12.58 5.85 23.57
N VAL D 109 12.00 6.55 22.61
CA VAL D 109 10.84 6.03 21.86
C VAL D 109 11.26 4.88 20.96
N LEU D 110 12.32 5.10 20.18
CA LEU D 110 12.83 4.08 19.27
C LEU D 110 13.35 2.84 19.99
N GLN D 111 14.00 3.04 21.14
CA GLN D 111 14.58 1.92 21.88
C GLN D 111 13.54 0.93 22.38
N VAL D 112 12.42 1.45 22.89
CA VAL D 112 11.33 0.57 23.35
C VAL D 112 10.54 0.02 22.16
N ASN D 113 10.11 0.91 21.27
CA ASN D 113 9.18 0.55 20.21
C ASN D 113 9.80 -0.33 19.13
N LEU D 114 11.07 -0.11 18.84
CA LEU D 114 11.72 -0.81 17.73
C LEU D 114 12.93 -1.66 18.16
N THR D 115 13.91 -1.05 18.82
CA THR D 115 15.09 -1.80 19.25
C THR D 115 14.70 -2.97 20.15
N GLY D 116 13.84 -2.73 21.13
CA GLY D 116 13.38 -3.78 22.03
C GLY D 116 12.67 -4.91 21.31
N MET D 117 11.92 -4.55 20.26
CA MET D 117 11.27 -5.56 19.42
C MET D 117 12.31 -6.44 18.71
N PHE D 118 13.36 -5.79 18.20
CA PHE D 118 14.49 -6.49 17.59
C PHE D 118 15.15 -7.44 18.60
N LEU D 119 15.48 -6.94 19.79
CA LEU D 119 16.17 -7.73 20.79
C LEU D 119 15.34 -8.91 21.28
N MET D 120 14.07 -8.68 21.59
CA MET D 120 13.19 -9.77 21.98
C MET D 120 13.09 -10.80 20.86
N SER D 121 12.91 -10.33 19.63
CA SER D 121 12.77 -11.24 18.48
C SER D 121 14.05 -12.04 18.25
N LYS D 122 15.21 -11.37 18.34
CA LYS D 122 16.50 -12.04 18.18
C LYS D 122 16.56 -13.31 19.02
N HIS D 123 16.30 -13.18 20.31
CA HIS D 123 16.44 -14.30 21.24
C HIS D 123 15.31 -15.29 21.17
N ALA D 124 14.09 -14.83 20.90
CA ALA D 124 12.98 -15.75 20.64
C ALA D 124 13.28 -16.62 19.42
N LEU D 125 13.81 -15.99 18.38
CA LEU D 125 14.08 -16.70 17.11
C LEU D 125 15.15 -17.77 17.27
N LYS D 126 16.19 -17.49 18.05
CA LYS D 126 17.21 -18.48 18.36
C LYS D 126 16.56 -19.77 18.85
N HIS D 127 15.60 -19.63 19.75
CA HIS D 127 14.88 -20.78 20.28
C HIS D 127 13.93 -21.39 19.26
N MET D 128 13.17 -20.55 18.56
CA MET D 128 12.19 -21.04 17.60
C MET D 128 12.84 -21.76 16.42
N LEU D 129 14.01 -21.29 16.00
CA LEU D 129 14.77 -21.98 14.96
C LEU D 129 15.14 -23.39 15.41
N ALA D 130 15.67 -23.51 16.61
CA ALA D 130 16.01 -24.80 17.20
C ALA D 130 14.77 -25.68 17.35
N ALA D 131 13.64 -25.11 17.76
CA ALA D 131 12.40 -25.87 17.95
C ALA D 131 11.72 -26.29 16.65
N GLY D 132 12.04 -25.61 15.55
CA GLY D 132 11.48 -25.96 14.24
C GLY D 132 10.17 -25.28 13.91
N LYS D 133 9.72 -24.36 14.75
CA LYS D 133 8.49 -23.62 14.51
C LYS D 133 8.40 -22.45 15.46
N GLY D 134 7.47 -21.54 15.17
CA GLY D 134 7.27 -20.37 16.00
C GLY D 134 6.29 -19.39 15.39
N ASN D 135 5.97 -18.37 16.16
CA ASN D 135 5.03 -17.34 15.75
C ASN D 135 5.42 -16.06 16.46
N ILE D 136 5.58 -14.97 15.71
CA ILE D 136 5.83 -13.65 16.29
C ILE D 136 4.71 -12.71 15.88
N ILE D 137 4.18 -11.99 16.85
CA ILE D 137 3.13 -11.01 16.62
C ILE D 137 3.59 -9.67 17.14
N ASN D 138 3.60 -8.66 16.27
CA ASN D 138 4.04 -7.33 16.66
C ASN D 138 2.87 -6.36 16.76
N THR D 139 2.89 -5.53 17.80
CA THR D 139 1.91 -4.49 17.92
C THR D 139 2.45 -3.28 17.19
N CYS D 140 1.89 -3.06 15.99
CA CYS D 140 2.20 -1.91 15.17
C CYS D 140 1.23 -0.79 15.55
N SER D 141 0.63 -0.11 14.58
CA SER D 141 -0.29 0.99 14.84
C SER D 141 -0.82 1.52 13.52
N VAL D 142 -1.98 2.16 13.57
CA VAL D 142 -2.40 3.04 12.48
C VAL D 142 -1.26 4.01 12.12
N GLY D 143 -0.52 4.46 13.14
CA GLY D 143 0.69 5.29 12.98
C GLY D 143 1.83 4.70 12.17
N GLY D 144 1.83 3.39 11.99
CA GLY D 144 2.72 2.74 11.02
C GLY D 144 2.27 2.79 9.57
N LEU D 145 1.00 3.17 9.34
CA LEU D 145 0.41 3.21 8.00
C LEU D 145 0.20 4.64 7.50
N VAL D 146 -0.28 5.49 8.39
CA VAL D 146 -0.42 6.93 8.17
C VAL D 146 0.14 7.67 9.39
N ALA D 147 0.24 8.99 9.32
CA ALA D 147 0.79 9.78 10.42
C ALA D 147 -0.30 10.24 11.38
N TRP D 148 -0.14 9.91 12.67
CA TRP D 148 -0.86 10.61 13.74
C TRP D 148 -0.18 11.96 13.88
N PRO D 149 -0.96 13.04 14.13
CA PRO D 149 -0.33 14.35 14.32
C PRO D 149 0.49 14.44 15.59
N ASP D 150 1.58 15.21 15.52
CA ASP D 150 2.39 15.60 16.68
C ASP D 150 3.21 14.49 17.37
N ILE D 151 3.24 13.28 16.82
CA ILE D 151 4.06 12.20 17.41
C ILE D 151 4.96 11.53 16.37
N PRO D 152 5.82 12.32 15.72
CA PRO D 152 6.60 11.82 14.60
C PRO D 152 7.51 10.65 14.94
N ALA D 153 8.15 10.71 16.10
CA ALA D 153 9.05 9.64 16.53
C ALA D 153 8.30 8.34 16.72
N TYR D 154 7.10 8.43 17.27
CA TYR D 154 6.24 7.26 17.43
C TYR D 154 5.87 6.67 16.07
N ASN D 155 5.38 7.52 15.18
CA ASN D 155 5.00 7.08 13.83
C ASN D 155 6.17 6.41 13.13
N ALA D 156 7.32 7.07 13.15
CA ALA D 156 8.56 6.51 12.60
C ALA D 156 8.87 5.11 13.18
N SER D 157 8.77 4.98 14.50
CA SER D 157 9.05 3.71 15.15
C SER D 157 8.10 2.63 14.64
N LYS D 158 6.83 2.98 14.46
CA LYS D 158 5.84 2.00 14.02
C LYS D 158 5.96 1.65 12.53
N GLY D 159 6.49 2.59 11.74
CA GLY D 159 6.89 2.29 10.37
C GLY D 159 8.00 1.25 10.36
N GLY D 160 8.90 1.37 11.33
CA GLY D 160 9.95 0.39 11.56
C GLY D 160 9.42 -0.97 11.95
N VAL D 161 8.41 -0.97 12.81
CA VAL D 161 7.74 -2.21 13.23
C VAL D 161 7.10 -2.93 12.04
N LEU D 162 6.44 -2.17 11.18
CA LEU D 162 5.77 -2.77 10.01
C LEU D 162 6.77 -3.49 9.12
N GLN D 163 7.87 -2.83 8.79
CA GLN D 163 8.87 -3.40 7.89
C GLN D 163 9.71 -4.48 8.55
N LEU D 164 9.95 -4.36 9.85
CA LEU D 164 10.61 -5.44 10.60
C LEU D 164 9.75 -6.69 10.59
N THR D 165 8.45 -6.50 10.78
CA THR D 165 7.48 -7.60 10.70
C THR D 165 7.59 -8.33 9.35
N LYS D 166 7.57 -7.56 8.27
CA LYS D 166 7.65 -8.15 6.95
C LYS D 166 8.99 -8.81 6.71
N SER D 167 10.05 -8.16 7.16
CA SER D 167 11.40 -8.69 6.99
C SER D 167 11.57 -10.05 7.66
N MET D 168 11.16 -10.14 8.92
CA MET D 168 11.27 -11.39 9.64
C MET D 168 10.37 -12.45 9.01
N ALA D 169 9.21 -12.05 8.53
CA ALA D 169 8.30 -12.99 7.85
C ALA D 169 8.99 -13.64 6.65
N VAL D 170 9.63 -12.81 5.84
CA VAL D 170 10.27 -13.26 4.62
C VAL D 170 11.51 -14.11 4.91
N ASP D 171 12.33 -13.68 5.86
CA ASP D 171 13.56 -14.39 6.19
C ASP D 171 13.33 -15.71 6.93
N TYR D 172 12.23 -15.85 7.66
CA TYR D 172 12.01 -17.04 8.50
C TYR D 172 10.83 -17.93 8.09
N ALA D 173 10.18 -17.62 6.98
CA ALA D 173 9.11 -18.46 6.45
C ALA D 173 9.59 -19.89 6.16
N LYS D 174 10.79 -20.02 5.60
CA LYS D 174 11.35 -21.35 5.31
C LYS D 174 11.51 -22.23 6.56
N HIS D 175 11.60 -21.60 7.74
CA HIS D 175 11.65 -22.33 9.01
C HIS D 175 10.30 -22.40 9.73
N GLN D 176 9.21 -22.17 8.99
CA GLN D 176 7.85 -22.24 9.53
C GLN D 176 7.62 -21.33 10.75
N ILE D 177 8.26 -20.17 10.75
CA ILE D 177 8.02 -19.16 11.76
C ILE D 177 7.22 -18.04 11.12
N ARG D 178 5.94 -17.96 11.47
CA ARG D 178 5.07 -16.93 10.94
C ARG D 178 5.28 -15.64 11.74
N VAL D 179 5.25 -14.52 11.04
CA VAL D 179 5.41 -13.20 11.65
C VAL D 179 4.36 -12.25 11.06
N ASN D 180 3.51 -11.69 11.92
CA ASN D 180 2.50 -10.73 11.50
C ASN D 180 2.39 -9.59 12.50
N CYS D 181 1.65 -8.56 12.14
CA CYS D 181 1.40 -7.49 13.08
C CYS D 181 -0.06 -7.06 13.10
N VAL D 182 -0.46 -6.44 14.20
CA VAL D 182 -1.75 -5.80 14.29
C VAL D 182 -1.53 -4.31 14.34
N CYS D 183 -2.38 -3.56 13.64
CA CYS D 183 -2.31 -2.11 13.61
C CYS D 183 -3.56 -1.54 14.29
N PRO D 184 -3.49 -1.31 15.61
CA PRO D 184 -4.65 -0.72 16.29
C PRO D 184 -4.87 0.75 15.96
N GLY D 185 -6.14 1.16 15.93
CA GLY D 185 -6.50 2.56 15.93
C GLY D 185 -6.43 3.11 17.33
N ILE D 186 -7.34 4.02 17.66
CA ILE D 186 -7.35 4.63 18.99
C ILE D 186 -8.09 3.71 19.94
N ILE D 187 -7.37 3.23 20.95
CA ILE D 187 -7.89 2.29 21.93
C ILE D 187 -8.07 3.00 23.27
N ASP D 188 -9.20 2.72 23.92
CA ASP D 188 -9.52 3.31 25.23
C ASP D 188 -8.85 2.50 26.35
N THR D 189 -7.62 2.87 26.73
CA THR D 189 -6.99 2.27 27.92
C THR D 189 -6.92 3.15 29.19
N LEU D 218 -17.32 5.15 14.72
CA LEU D 218 -17.73 6.23 15.65
C LEU D 218 -17.55 5.89 17.13
N ARG D 219 -16.58 5.06 17.44
CA ARG D 219 -16.25 4.76 18.84
C ARG D 219 -14.79 4.40 18.94
N LEU D 220 -14.26 4.51 20.15
CA LEU D 220 -12.91 4.06 20.44
C LEU D 220 -12.91 2.54 20.54
N GLY D 221 -11.77 1.93 20.24
CA GLY D 221 -11.62 0.50 20.38
C GLY D 221 -11.41 0.09 21.82
N LYS D 222 -11.79 -1.14 22.15
CA LYS D 222 -11.52 -1.70 23.47
C LYS D 222 -10.27 -2.56 23.40
N PRO D 223 -9.48 -2.60 24.49
CA PRO D 223 -8.26 -3.40 24.52
C PRO D 223 -8.49 -4.85 24.07
N GLU D 224 -9.60 -5.43 24.52
CA GLU D 224 -9.91 -6.83 24.21
C GLU D 224 -10.16 -7.07 22.72
N GLU D 225 -10.63 -6.03 22.01
CA GLU D 225 -10.82 -6.12 20.57
C GLU D 225 -9.49 -6.26 19.81
N ILE D 226 -8.40 -5.71 20.37
CA ILE D 226 -7.06 -5.96 19.83
C ILE D 226 -6.52 -7.31 20.30
N ALA D 227 -6.72 -7.63 21.57
CA ALA D 227 -6.34 -8.95 22.08
C ALA D 227 -6.92 -10.07 21.21
N ASN D 228 -8.16 -9.91 20.78
CA ASN D 228 -8.82 -10.93 19.94
C ASN D 228 -8.16 -11.11 18.58
N VAL D 229 -7.60 -10.04 18.01
CA VAL D 229 -6.83 -10.14 16.79
C VAL D 229 -5.56 -10.96 17.06
N MET D 230 -4.94 -10.73 18.21
CA MET D 230 -3.73 -11.46 18.59
C MET D 230 -4.01 -12.96 18.74
N LEU D 231 -5.17 -13.32 19.30
CA LEU D 231 -5.55 -14.72 19.39
C LEU D 231 -5.57 -15.34 18.01
N PHE D 232 -6.22 -14.66 17.07
CA PHE D 232 -6.34 -15.15 15.70
C PHE D 232 -4.97 -15.37 15.08
N LEU D 233 -4.09 -14.39 15.22
CA LEU D 233 -2.75 -14.47 14.62
C LEU D 233 -1.89 -15.57 15.23
N ALA D 234 -2.09 -15.84 16.52
CA ALA D 234 -1.34 -16.90 17.21
C ALA D 234 -1.86 -18.28 16.85
N SER D 235 -3.15 -18.39 16.56
CA SER D 235 -3.77 -19.69 16.32
C SER D 235 -3.52 -20.19 14.92
N ASP D 236 -3.76 -21.49 14.75
CA ASP D 236 -3.63 -22.17 13.45
C ASP D 236 -4.63 -21.67 12.42
N LEU D 237 -5.67 -20.98 12.87
CA LEU D 237 -6.61 -20.37 11.98
C LEU D 237 -5.94 -19.47 10.95
N SER D 238 -4.88 -18.77 11.36
CA SER D 238 -4.13 -17.89 10.48
C SER D 238 -2.91 -18.55 9.84
N SER D 239 -2.98 -19.87 9.62
CA SER D 239 -1.82 -20.65 9.20
C SER D 239 -1.22 -20.29 7.84
N TYR D 240 -2.00 -19.66 6.96
CA TYR D 240 -1.43 -19.21 5.68
C TYR D 240 -1.11 -17.72 5.67
N MET D 241 -1.06 -17.11 6.86
CA MET D 241 -0.76 -15.69 6.97
C MET D 241 0.62 -15.49 7.55
N THR D 242 1.46 -14.78 6.80
CA THR D 242 2.73 -14.30 7.32
C THR D 242 3.15 -13.05 6.56
N GLY D 243 3.83 -12.14 7.26
CA GLY D 243 4.24 -10.87 6.70
C GLY D 243 3.09 -9.91 6.47
N SER D 244 1.97 -10.12 7.13
CA SER D 244 0.80 -9.29 6.91
C SER D 244 0.48 -8.42 8.13
N ALA D 245 -0.29 -7.38 7.89
CA ALA D 245 -0.73 -6.47 8.92
C ALA D 245 -2.24 -6.55 9.01
N ILE D 246 -2.78 -6.75 10.21
CA ILE D 246 -4.22 -6.69 10.42
C ILE D 246 -4.57 -5.36 11.05
N THR D 247 -5.37 -4.58 10.35
CA THR D 247 -5.78 -3.28 10.86
C THR D 247 -7.08 -3.43 11.64
N ALA D 248 -7.09 -2.89 12.85
CA ALA D 248 -8.26 -2.87 13.72
C ALA D 248 -8.44 -1.44 14.24
N ASP D 249 -9.10 -0.62 13.45
CA ASP D 249 -9.13 0.82 13.70
C ASP D 249 -10.51 1.46 13.52
N GLY D 250 -11.57 0.66 13.51
CA GLY D 250 -12.93 1.18 13.36
C GLY D 250 -13.18 1.90 12.05
N GLY D 251 -12.38 1.64 11.02
CA GLY D 251 -12.54 2.28 9.71
C GLY D 251 -11.67 3.49 9.43
N TYR D 252 -10.81 3.83 10.39
CA TYR D 252 -10.02 5.07 10.32
C TYR D 252 -9.18 5.23 9.05
N THR D 253 -8.42 4.20 8.68
CA THR D 253 -7.54 4.24 7.50
C THR D 253 -8.26 3.91 6.18
N ALA D 254 -9.52 3.51 6.26
CA ALA D 254 -10.32 3.23 5.07
C ALA D 254 -10.76 4.49 4.33
N GLN D 255 -10.63 5.66 4.97
CA GLN D 255 -11.01 6.95 4.37
C GLN D 255 -9.83 7.94 4.33
PA NAI E . -13.79 16.88 -15.97
O1A NAI E . -15.15 16.56 -15.74
O2A NAI E . -13.44 18.28 -15.90
O5B NAI E . -13.35 16.42 -17.43
C5B NAI E . -13.43 15.12 -17.98
C4B NAI E . -13.50 15.11 -19.47
O4B NAI E . -13.78 13.77 -19.86
C3B NAI E . -14.58 16.00 -20.09
O3B NAI E . -14.06 16.82 -21.16
C2B NAI E . -15.63 14.97 -20.44
O2B NAI E . -16.41 15.38 -21.51
C1B NAI E . -14.83 13.75 -20.79
N9A NAI E . -15.67 12.54 -20.87
C8A NAI E . -16.68 12.16 -20.11
N7A NAI E . -17.23 11.05 -20.52
C5A NAI E . -16.55 10.66 -21.57
C6A NAI E . -16.57 9.56 -22.55
N6A NAI E . -17.41 8.57 -22.51
N1A NAI E . -15.68 9.57 -23.49
C2A NAI E . -14.78 10.50 -23.64
N3A NAI E . -14.71 11.52 -22.84
C4A NAI E . -15.54 11.65 -21.81
O3 NAI E . -12.89 15.98 -15.01
PN NAI E . -11.65 16.50 -14.16
O1N NAI E . -12.24 17.12 -13.00
O2N NAI E . -10.58 17.13 -14.91
O5D NAI E . -10.92 15.14 -13.89
C5D NAI E . -10.25 14.36 -14.88
C4D NAI E . -9.87 13.05 -14.27
O4D NAI E . -9.30 13.28 -12.99
C3D NAI E . -11.03 12.01 -14.09
O3D NAI E . -10.70 10.66 -14.40
C2D NAI E . -11.28 12.18 -12.63
O2D NAI E . -12.04 11.12 -12.16
C1D NAI E . -9.87 12.38 -12.07
N1N NAI E . -9.89 12.87 -10.71
C2N NAI E . -10.34 14.07 -10.34
C3N NAI E . -10.34 14.48 -8.99
C7N NAI E . -10.81 15.87 -8.58
O7N NAI E . -10.90 16.19 -7.42
N7N NAI E . -11.07 16.73 -9.56
C4N NAI E . -9.89 13.58 -8.00
C5N NAI E . -9.46 12.35 -8.40
C6N NAI E . -9.46 12.02 -9.75
PA NAI F . 26.36 5.16 -1.44
O1A NAI F . 26.90 4.20 -0.49
O2A NAI F . 26.83 5.08 -2.80
O5B NAI F . 26.64 6.60 -0.89
C5B NAI F . 26.15 7.07 0.36
C4B NAI F . 26.94 8.24 0.87
O4B NAI F . 26.51 8.42 2.21
C3B NAI F . 28.44 8.05 0.85
O3B NAI F . 29.07 9.11 0.18
C2B NAI F . 28.83 8.02 2.31
O2B NAI F . 30.03 8.74 2.52
C1B NAI F . 27.65 8.71 2.98
N9A NAI F . 27.52 8.46 4.44
C8A NAI F . 27.50 7.33 5.10
N7A NAI F . 27.35 7.53 6.39
C5A NAI F . 27.29 8.83 6.60
C6A NAI F . 27.16 9.73 7.77
N6A NAI F . 27.07 9.30 9.01
N1A NAI F . 27.14 11.00 7.54
C2A NAI F . 27.21 11.48 6.31
N3A NAI F . 27.36 10.76 5.23
C4A NAI F . 27.40 9.43 5.30
O3 NAI F . 24.76 5.03 -1.46
PN NAI F . 23.77 4.95 -2.73
O1N NAI F . 23.82 3.53 -3.07
O2N NAI F . 23.91 6.00 -3.74
O5D NAI F . 22.42 5.28 -2.06
C5D NAI F . 22.14 6.41 -1.28
C4D NAI F . 20.80 6.23 -0.62
O4D NAI F . 19.95 5.52 -1.48
C3D NAI F . 20.82 5.47 0.71
O3D NAI F . 19.89 6.01 1.62
C2D NAI F . 20.34 4.12 0.25
O2D NAI F . 19.94 3.22 1.26
C1D NAI F . 19.29 4.57 -0.72
N1N NAI F . 18.87 3.50 -1.55
C2N NAI F . 19.70 2.91 -2.39
C3N NAI F . 19.22 1.86 -3.18
C7N NAI F . 20.13 1.12 -4.16
O7N NAI F . 21.14 1.64 -4.58
N7N NAI F . 19.81 -0.09 -4.50
C4N NAI F . 17.90 1.41 -3.00
C5N NAI F . 17.06 2.02 -2.11
C6N NAI F . 17.60 3.09 -1.40
PA NAI G . -13.83 -21.58 -7.83
O1A NAI G . -13.69 -21.50 -9.29
O2A NAI G . -13.56 -22.88 -7.25
O5B NAI G . -15.34 -21.28 -7.49
C5B NAI G . -16.02 -20.11 -7.90
C4B NAI G . -17.49 -20.34 -7.82
O4B NAI G . -18.09 -19.18 -8.37
C3B NAI G . -17.86 -21.50 -8.68
O3B NAI G . -18.59 -22.46 -7.96
C2B NAI G . -18.67 -20.85 -9.78
O2B NAI G . -19.71 -21.69 -10.16
C1B NAI G . -19.16 -19.56 -9.19
N9A NAI G . -19.61 -18.59 -10.22
C8A NAI G . -19.05 -18.35 -11.37
N7A NAI G . -19.76 -17.47 -12.06
C5A NAI G . -20.80 -17.15 -11.36
C6A NAI G . -21.96 -16.29 -11.52
N6A NAI G . -22.20 -15.53 -12.56
N1A NAI G . -22.79 -16.25 -10.52
C2A NAI G . -22.65 -16.94 -9.43
N3A NAI G . -21.66 -17.76 -9.23
C4A NAI G . -20.71 -17.89 -10.16
O3 NAI G . -12.93 -20.45 -7.15
PN NAI G . -12.30 -20.49 -5.68
O1N NAI G . -13.27 -21.01 -4.73
O2N NAI G . -10.95 -21.00 -5.74
O5D NAI G . -12.24 -18.94 -5.53
C5D NAI G . -13.23 -18.12 -4.95
C4D NAI G . -12.71 -16.70 -4.94
O4D NAI G . -11.35 -16.75 -4.60
C3D NAI G . -12.81 -15.90 -6.28
O3D NAI G . -13.33 -14.58 -6.12
C2D NAI G . -11.36 -15.93 -6.62
O2D NAI G . -11.04 -15.08 -7.68
C1D NAI G . -10.77 -15.68 -5.23
N1N NAI G . -9.36 -15.84 -5.17
C2N NAI G . -8.78 -17.03 -5.39
C3N NAI G . -7.41 -17.15 -5.36
C7N NAI G . -6.81 -18.48 -5.59
O7N NAI G . -7.54 -19.42 -5.60
N7N NAI G . -5.53 -18.61 -5.79
C4N NAI G . -6.64 -16.00 -5.13
C5N NAI G . -7.28 -14.80 -4.91
C6N NAI G . -8.65 -14.76 -4.94
PA NAI H . 0.19 0.86 27.84
O1A NAI H . 0.81 2.15 28.10
O2A NAI H . -1.05 0.54 28.51
O5B NAI H . 1.19 -0.26 28.21
C5B NAI H . 2.54 -0.30 27.78
C4B NAI H . 3.32 -1.27 28.61
O4B NAI H . 4.65 -1.33 28.15
C3B NAI H . 3.39 -0.84 30.06
O3B NAI H . 3.07 -1.90 30.92
C2B NAI H . 4.84 -0.58 30.24
O2B NAI H . 5.17 -0.80 31.60
C1B NAI H . 5.47 -1.51 29.24
N9A NAI H . 6.83 -1.04 28.95
C8A NAI H . 7.16 0.21 28.76
N7A NAI H . 8.46 0.37 28.61
C5A NAI H . 8.98 -0.83 28.69
C6A NAI H . 10.31 -1.37 28.60
N6A NAI H . 11.33 -0.60 28.36
N1A NAI H . 10.46 -2.65 28.74
C2A NAI H . 9.44 -3.44 28.95
N3A NAI H . 8.19 -3.03 29.07
C4A NAI H . 7.91 -1.76 28.92
O3 NAI H . 0.17 0.56 26.31
PN NAI H . -1.03 0.10 25.43
O1N NAI H . -1.70 -1.11 25.88
O2N NAI H . -1.78 1.31 25.28
O5D NAI H . 0.03 -0.20 24.31
C5D NAI H . 0.33 -1.45 23.70
C4D NAI H . 0.78 -1.31 22.25
O4D NAI H . -0.28 -0.76 21.51
C3D NAI H . 1.93 -0.33 22.04
O3D NAI H . 2.97 -0.82 21.23
C2D NAI H . 1.23 0.84 21.43
O2D NAI H . 2.12 1.72 20.79
C1D NAI H . 0.20 0.16 20.59
N1N NAI H . -0.91 1.00 20.22
C2N NAI H . -1.72 1.53 21.14
C3N NAI H . -2.78 2.34 20.73
C7N NAI H . -3.72 2.96 21.69
O7N NAI H . -4.54 3.77 21.26
N7N NAI H . -3.63 2.62 22.97
C4N NAI H . -2.96 2.61 19.37
C5N NAI H . -2.12 2.05 18.45
C6N NAI H . -1.09 1.25 18.91
#